data_6R4L
#
_entry.id   6R4L
#
_cell.length_a   148.670
_cell.length_b   90.060
_cell.length_c   161.680
_cell.angle_alpha   90.000
_cell.angle_beta   110.310
_cell.angle_gamma   90.000
#
_symmetry.space_group_name_H-M   'C 1 2 1'
#
loop_
_entity.id
_entity.type
_entity.pdbx_description
1 polymer 'NPC intracellular cholesterol transporter 1-related protein 1'
2 branched beta-D-mannopyranose-(1-4)-2-acetamido-2-deoxy-beta-D-glucopyranose-(1-4)-2-acetamido-2-deoxy-beta-D-glucopyranose
3 non-polymer ERGOSTEROL
4 non-polymer 2-acetamido-2-deoxy-beta-D-glucopyranose
#
_entity_poly.entity_id   1
_entity_poly.type   'polypeptide(L)'
_entity_poly.pdbx_seq_one_letter_code
;MNVLWIIALVGQLMRLVQGTATCAMYGNCGKKSVFGNELPCPVPRSFEPPVLSDETSKLLVEVCGEEWKEVRYACCTKDQ
VVALRDNLQKAQPLISSCPACLKNFNNLFCHFTCAADQGRFVNITKVEKSKEDKDIVAELDVFMNSSWASEFYDSCKNIK
FSATNGYAMDLIGGGAKNYSQFLKFLGDAKPMLGGSPFQINYKYDLANEEKEWQEFNDEVYACDDAQYKCACSDCQESCP
HLKPLKDGVCKVGPLPCFSLSVLIFYTICALFAFMWYYLCKRKKNGAMIVDDDIVPESGSLDESETNVFESFNNETNFFN
GKLANLFTKVGQFSVENPYKILITTVFSIFVFSFIIFQYATLETDPINLWVSKNSEKFKEKEYFDDNFGPFYRTEQIFVV
NETGPVLSYETLHWWFDVENFITEELQSSENIGYQDLCFRPTEDSTCVIESFTQYFQGALPNKDSWKRELQECGKFPVNC
LPTFQQPLKTNLLFSDDDILNAHAFVVTLLLTNHTQSANRWEERLEEYLLDLKVPEGLRISFNTEISLEKELNNNNDIST
VAISYLMMFLYATWALRRKDGKTRLLLGISGLLIVLASIVCAAGFLTLFGLKSTLIIAEVIPFLILAIGIDNIFLITHEY
DRNCEQKPEYSIDQKIISAIGRMSPSILMSLLCQTGCFLIAAFVTMPAVHNFAIYSTVSVIFNGVLQLTAYVSILSLYEK
RSNYKQITGNEETKESFLKTFYFKMLTQKRLIIIIFSAWFFTSLVFLPEIQFGLDQTLAVPQDSYLVDYFKDVYSFLNVG
PPVYMVVKNLDLTKRQNQQKICGKFTTCERDSLANVLEQERHRSTITEPLANWLDDYFMFLNPQNDQCCRLKKGTDEVCP
PSFPSRRCETCFQQGSWNYNMSGFPEGKDFMEYLSIWINAPSDPCPLGGRAPYSTALVYNETSVSASVFRTAHHPLRSQK
DFIQAYSDGVRISSSFPELDMFAYSPFYIFFVQYQTLGPLTLKLIGSAIILIFFISSVFLQNIRSSFLLALVVTMIIVDI
GALMALLGISLNAVSLVNLIICVGLGVEFCVHIVRSFTVVPSETKKDANSRVLYSLNTIGESVIKGITLTKFIGVCVLAF
AQSKIFDVFYFRMWFTLIIVAALHALLFLPALLSLFGGESYRDDSIEAEDLVPRGSGGGGSGGGGSGGHHHHHHHHHH
;
_entity_poly.pdbx_strand_id   A
#
loop_
_chem_comp.id
_chem_comp.type
_chem_comp.name
_chem_comp.formula
BMA D-saccharide, beta linking beta-D-mannopyranose 'C6 H12 O6'
ERG non-polymer ERGOSTEROL 'C28 H44 O'
NAG D-saccharide, beta linking 2-acetamido-2-deoxy-beta-D-glucopyranose 'C8 H15 N O6'
#
# COMPACT_ATOMS: atom_id res chain seq x y z
N ALA A 21 10.71 -44.11 -51.26
CA ALA A 21 11.45 -42.86 -51.34
C ALA A 21 10.88 -41.93 -52.43
N THR A 22 9.85 -41.18 -52.08
CA THR A 22 9.24 -40.19 -52.98
C THR A 22 9.40 -38.81 -52.36
N CYS A 23 9.94 -37.87 -53.14
CA CYS A 23 10.22 -36.52 -52.69
C CYS A 23 9.18 -35.51 -53.18
N ALA A 24 9.46 -34.23 -52.94
CA ALA A 24 8.73 -33.14 -53.56
C ALA A 24 9.61 -32.08 -54.18
N MET A 25 10.87 -31.93 -53.76
CA MET A 25 11.75 -31.01 -54.45
C MET A 25 13.19 -31.49 -54.28
N TYR A 26 13.99 -31.32 -55.33
CA TYR A 26 15.39 -31.75 -55.33
C TYR A 26 16.06 -31.24 -56.61
N GLY A 27 17.35 -30.94 -56.55
CA GLY A 27 18.05 -30.56 -57.76
C GLY A 27 18.78 -29.23 -57.69
N ASN A 28 18.32 -28.33 -56.84
CA ASN A 28 18.92 -27.02 -56.67
C ASN A 28 18.98 -26.26 -58.00
N CYS A 29 17.85 -26.29 -58.72
CA CYS A 29 17.81 -25.70 -60.06
C CYS A 29 17.77 -24.18 -59.97
N GLY A 30 18.47 -23.54 -60.89
CA GLY A 30 18.46 -22.10 -60.94
C GLY A 30 19.40 -21.47 -59.92
N LYS A 31 19.71 -20.22 -60.21
CA LYS A 31 20.65 -19.43 -59.41
C LYS A 31 20.09 -18.03 -59.41
N LYS A 32 20.90 -17.04 -59.09
CA LYS A 32 20.35 -15.70 -58.92
C LYS A 32 21.54 -14.76 -58.94
N SER A 33 21.31 -13.55 -59.45
CA SER A 33 22.41 -12.68 -59.88
C SER A 33 23.24 -12.22 -58.69
N VAL A 34 22.59 -12.02 -57.55
CA VAL A 34 23.26 -11.57 -56.35
C VAL A 34 22.61 -12.23 -55.15
N PHE A 35 23.29 -12.16 -54.00
CA PHE A 35 22.82 -12.44 -52.65
C PHE A 35 22.95 -13.94 -52.30
N GLY A 36 23.34 -14.80 -53.23
CA GLY A 36 23.63 -16.19 -52.89
C GLY A 36 22.54 -16.93 -52.14
N ASN A 37 21.28 -16.69 -52.52
CA ASN A 37 20.18 -17.50 -51.98
C ASN A 37 20.15 -18.91 -52.58
N GLU A 38 20.59 -19.06 -53.83
CA GLU A 38 20.84 -20.36 -54.47
C GLU A 38 19.67 -21.33 -54.26
N LEU A 39 18.49 -20.87 -54.66
CA LEU A 39 17.21 -21.50 -54.36
C LEU A 39 17.07 -22.87 -55.02
N PRO A 40 16.29 -23.78 -54.44
CA PRO A 40 16.17 -25.12 -54.99
C PRO A 40 15.01 -25.22 -55.97
N CYS A 41 14.92 -26.38 -56.62
CA CYS A 41 13.87 -26.56 -57.62
C CYS A 41 12.96 -27.73 -57.26
N PRO A 42 11.81 -27.87 -57.91
CA PRO A 42 10.90 -28.98 -57.59
C PRO A 42 11.34 -30.27 -58.28
N VAL A 43 10.61 -31.34 -57.99
CA VAL A 43 10.88 -32.65 -58.59
C VAL A 43 9.62 -33.50 -58.44
N PRO A 44 9.39 -34.52 -59.28
CA PRO A 44 8.26 -35.42 -59.05
C PRO A 44 8.58 -36.50 -58.01
N ARG A 45 7.52 -37.22 -57.61
CA ARG A 45 7.67 -38.21 -56.55
C ARG A 45 8.52 -39.40 -56.99
N SER A 46 8.35 -39.85 -58.25
CA SER A 46 9.08 -41.00 -58.75
C SER A 46 10.53 -40.57 -58.98
N PHE A 47 11.28 -40.49 -57.89
CA PHE A 47 12.67 -40.05 -57.97
C PHE A 47 13.40 -40.52 -56.73
N GLU A 48 14.59 -41.09 -56.94
CA GLU A 48 15.42 -41.57 -55.84
C GLU A 48 16.86 -41.10 -56.05
N PRO A 49 17.40 -40.28 -55.15
CA PRO A 49 18.78 -39.83 -55.31
C PRO A 49 19.75 -40.75 -54.58
N PRO A 50 21.00 -40.84 -55.05
CA PRO A 50 22.04 -41.55 -54.28
C PRO A 50 22.57 -40.66 -53.16
N VAL A 51 22.63 -41.22 -51.96
CA VAL A 51 22.90 -40.41 -50.76
C VAL A 51 24.06 -41.07 -50.03
N LEU A 52 24.39 -40.57 -48.84
CA LEU A 52 25.37 -41.11 -47.91
C LEU A 52 26.81 -40.83 -48.35
N SER A 53 27.02 -40.09 -49.44
CA SER A 53 28.36 -39.84 -49.96
C SER A 53 29.03 -38.71 -49.17
N ASP A 54 29.26 -38.99 -47.89
CA ASP A 54 29.92 -38.11 -46.92
C ASP A 54 29.13 -36.84 -46.61
N GLU A 55 27.95 -36.66 -47.20
CA GLU A 55 27.07 -35.58 -46.72
C GLU A 55 26.40 -35.97 -45.42
N THR A 56 26.07 -37.25 -45.26
CA THR A 56 25.43 -37.72 -44.02
C THR A 56 26.32 -37.49 -42.82
N SER A 57 27.65 -37.59 -42.99
CA SER A 57 28.57 -37.24 -41.92
C SER A 57 28.40 -35.78 -41.53
N LYS A 58 28.29 -34.89 -42.53
CA LYS A 58 28.09 -33.47 -42.26
C LYS A 58 26.65 -33.19 -41.84
N LEU A 59 25.69 -33.97 -42.35
CA LEU A 59 24.29 -33.80 -41.97
C LEU A 59 23.97 -34.41 -40.61
N LEU A 60 24.93 -35.04 -39.94
CA LEU A 60 24.59 -35.62 -38.65
C LEU A 60 25.00 -34.74 -37.49
N VAL A 61 26.26 -34.33 -37.45
CA VAL A 61 26.83 -33.73 -36.25
C VAL A 61 26.45 -32.26 -36.14
N GLU A 62 26.83 -31.44 -37.11
CA GLU A 62 26.70 -30.00 -36.98
C GLU A 62 25.35 -29.47 -37.42
N VAL A 63 24.43 -30.34 -37.88
CA VAL A 63 23.07 -29.94 -38.23
C VAL A 63 21.99 -30.99 -37.94
N CYS A 64 21.01 -30.57 -37.11
CA CYS A 64 19.77 -31.29 -36.77
C CYS A 64 20.02 -32.71 -36.28
N GLY A 65 21.09 -32.86 -35.51
CA GLY A 65 21.25 -33.92 -34.56
C GLY A 65 21.52 -35.34 -35.02
N GLU A 66 21.91 -36.14 -34.01
CA GLU A 66 22.33 -37.53 -34.13
C GLU A 66 21.19 -38.49 -33.89
N GLU A 67 19.96 -37.98 -33.82
CA GLU A 67 18.78 -38.83 -33.79
C GLU A 67 18.80 -39.84 -34.92
N TRP A 68 19.17 -39.38 -36.11
CA TRP A 68 19.26 -40.25 -37.26
C TRP A 68 20.57 -41.03 -37.22
N LYS A 69 20.59 -42.15 -37.93
CA LYS A 69 21.79 -42.97 -38.00
C LYS A 69 21.63 -43.91 -39.17
N GLU A 70 22.57 -43.84 -40.12
CA GLU A 70 22.53 -44.64 -41.34
C GLU A 70 21.19 -44.47 -42.03
N VAL A 71 20.81 -43.22 -42.27
CA VAL A 71 19.61 -42.92 -43.02
C VAL A 71 19.81 -43.39 -44.46
N ARG A 72 18.87 -44.21 -44.94
CA ARG A 72 19.06 -44.91 -46.21
C ARG A 72 19.10 -43.93 -47.38
N TYR A 73 18.10 -43.05 -47.49
CA TYR A 73 18.08 -42.05 -48.55
C TYR A 73 17.57 -40.74 -47.99
N ALA A 74 18.15 -39.65 -48.46
CA ALA A 74 17.75 -38.30 -48.10
C ALA A 74 17.26 -37.57 -49.36
N CYS A 75 16.92 -36.28 -49.19
CA CYS A 75 16.38 -35.52 -50.31
C CYS A 75 16.93 -34.09 -50.31
N CYS A 76 18.24 -33.94 -50.08
CA CYS A 76 18.86 -32.63 -50.15
C CYS A 76 20.30 -32.77 -50.61
N THR A 77 20.78 -31.81 -51.38
CA THR A 77 22.17 -31.83 -51.83
C THR A 77 23.08 -31.36 -50.71
N LYS A 78 24.39 -31.53 -50.92
CA LYS A 78 25.36 -30.93 -50.00
C LYS A 78 25.21 -29.41 -50.00
N ASP A 79 24.82 -28.84 -51.13
CA ASP A 79 24.56 -27.41 -51.21
C ASP A 79 23.40 -27.01 -50.30
N GLN A 80 22.32 -27.79 -50.33
CA GLN A 80 21.18 -27.52 -49.46
C GLN A 80 21.53 -27.81 -48.01
N VAL A 81 22.47 -28.72 -47.75
CA VAL A 81 22.91 -28.95 -46.38
C VAL A 81 23.66 -27.74 -45.85
N VAL A 82 24.64 -27.21 -46.59
CA VAL A 82 25.39 -26.09 -46.04
C VAL A 82 24.53 -24.83 -45.98
N ALA A 83 23.55 -24.71 -46.88
CA ALA A 83 22.62 -23.58 -46.76
C ALA A 83 21.71 -23.74 -45.54
N LEU A 84 21.24 -24.97 -45.27
CA LEU A 84 20.45 -25.22 -44.07
C LEU A 84 21.29 -25.05 -42.81
N ARG A 85 22.57 -25.40 -42.89
CA ARG A 85 23.50 -25.28 -41.77
C ARG A 85 23.69 -23.81 -41.40
N ASP A 86 23.92 -22.95 -42.39
CA ASP A 86 24.14 -21.54 -42.08
C ASP A 86 22.84 -20.85 -41.64
N ASN A 87 21.70 -21.21 -42.23
CA ASN A 87 20.41 -20.67 -41.78
C ASN A 87 20.17 -21.00 -40.30
N LEU A 88 20.33 -22.27 -39.94
CA LEU A 88 20.12 -22.59 -38.52
C LEU A 88 21.26 -22.09 -37.63
N GLN A 89 22.45 -21.85 -38.20
CA GLN A 89 23.53 -21.23 -37.44
C GLN A 89 23.17 -19.82 -37.03
N LYS A 90 22.39 -19.12 -37.88
CA LYS A 90 21.92 -17.80 -37.50
C LYS A 90 20.76 -17.86 -36.50
N ALA A 91 19.87 -18.86 -36.62
CA ALA A 91 18.71 -18.84 -35.72
C ALA A 91 18.93 -19.51 -34.36
N GLN A 92 19.93 -20.41 -34.20
CA GLN A 92 20.03 -21.16 -32.95
C GLN A 92 20.50 -20.37 -31.71
N PRO A 93 21.31 -19.30 -31.83
CA PRO A 93 21.58 -18.49 -30.63
C PRO A 93 20.37 -17.75 -30.11
N LEU A 94 19.34 -17.58 -30.94
CA LEU A 94 18.10 -16.93 -30.54
C LEU A 94 17.22 -17.85 -29.72
N ILE A 95 17.48 -19.16 -29.74
CA ILE A 95 16.56 -20.13 -29.17
C ILE A 95 17.28 -21.15 -28.29
N SER A 96 18.61 -21.02 -28.16
CA SER A 96 19.39 -22.05 -27.47
C SER A 96 19.06 -22.17 -25.99
N SER A 97 18.29 -21.24 -25.43
CA SER A 97 18.01 -21.24 -24.00
C SER A 97 17.22 -22.49 -23.59
N CYS A 98 16.02 -22.66 -24.17
CA CYS A 98 15.13 -23.80 -23.96
C CYS A 98 15.49 -24.89 -24.96
N PRO A 99 16.18 -25.95 -24.52
CA PRO A 99 16.67 -26.94 -25.50
C PRO A 99 15.57 -27.69 -26.24
N ALA A 100 14.43 -27.95 -25.59
CA ALA A 100 13.36 -28.67 -26.28
C ALA A 100 12.86 -27.90 -27.50
N CYS A 101 12.70 -26.58 -27.36
CA CYS A 101 12.30 -25.74 -28.48
C CYS A 101 13.33 -25.78 -29.58
N LEU A 102 14.62 -25.68 -29.24
CA LEU A 102 15.66 -25.76 -30.26
C LEU A 102 15.63 -27.10 -31.00
N LYS A 103 15.53 -28.20 -30.26
CA LYS A 103 15.57 -29.50 -30.91
C LYS A 103 14.40 -29.69 -31.86
N ASN A 104 13.18 -29.48 -31.37
CA ASN A 104 12.08 -29.73 -32.30
C ASN A 104 11.98 -28.66 -33.38
N PHE A 105 12.58 -27.49 -33.17
CA PHE A 105 12.71 -26.50 -34.23
C PHE A 105 13.61 -27.01 -35.35
N ASN A 106 14.82 -27.51 -34.99
CA ASN A 106 15.72 -28.08 -35.98
C ASN A 106 15.12 -29.33 -36.62
N ASN A 107 14.44 -30.15 -35.82
CA ASN A 107 13.83 -31.36 -36.34
C ASN A 107 12.75 -31.02 -37.35
N LEU A 108 11.98 -29.96 -37.09
CA LEU A 108 11.03 -29.43 -38.05
C LEU A 108 11.71 -29.10 -39.38
N PHE A 109 12.71 -28.20 -39.34
CA PHE A 109 13.29 -27.78 -40.61
C PHE A 109 14.03 -28.91 -41.33
N CYS A 110 14.65 -29.85 -40.60
CA CYS A 110 15.27 -30.99 -41.29
C CYS A 110 14.23 -31.90 -41.93
N HIS A 111 13.18 -32.28 -41.20
CA HIS A 111 12.17 -33.12 -41.85
C HIS A 111 11.56 -32.43 -43.06
N PHE A 112 11.48 -31.10 -43.04
CA PHE A 112 10.99 -30.40 -44.23
C PHE A 112 12.00 -30.39 -45.38
N THR A 113 13.15 -29.72 -45.18
CA THR A 113 14.11 -29.50 -46.24
C THR A 113 14.71 -30.79 -46.77
N CYS A 114 15.42 -31.51 -45.90
CA CYS A 114 16.23 -32.61 -46.39
C CYS A 114 15.50 -33.94 -46.28
N ALA A 115 14.70 -34.16 -45.24
CA ALA A 115 14.04 -35.45 -45.11
C ALA A 115 12.73 -35.50 -45.88
N ALA A 116 12.77 -35.09 -47.14
CA ALA A 116 11.65 -35.31 -48.04
C ALA A 116 11.62 -36.74 -48.55
N ASP A 117 12.52 -37.59 -48.03
CA ASP A 117 12.36 -39.04 -48.15
C ASP A 117 10.94 -39.42 -47.81
N GLN A 118 10.52 -39.14 -46.59
CA GLN A 118 9.10 -39.13 -46.27
C GLN A 118 8.51 -37.84 -46.83
N GLY A 119 7.54 -37.98 -47.72
CA GLY A 119 6.93 -36.83 -48.34
C GLY A 119 6.29 -35.90 -47.34
N ARG A 120 6.92 -34.75 -47.12
CA ARG A 120 6.42 -33.75 -46.18
C ARG A 120 6.15 -32.44 -46.90
N PHE A 121 5.67 -32.55 -48.14
CA PHE A 121 5.31 -31.38 -48.95
C PHE A 121 4.46 -31.86 -50.11
N VAL A 122 3.29 -31.29 -50.35
CA VAL A 122 2.51 -31.85 -51.45
C VAL A 122 1.89 -30.75 -52.33
N ASN A 123 1.44 -31.19 -53.52
CA ASN A 123 0.69 -30.36 -54.47
C ASN A 123 1.43 -29.07 -54.82
N ILE A 124 2.68 -29.23 -55.27
CA ILE A 124 3.44 -28.08 -55.74
C ILE A 124 2.74 -27.49 -56.96
N THR A 125 2.56 -26.17 -56.97
CA THR A 125 1.84 -25.57 -58.09
C THR A 125 2.59 -24.52 -58.89
N LYS A 126 3.07 -23.45 -58.25
CA LYS A 126 3.69 -22.34 -58.97
C LYS A 126 5.21 -22.49 -58.95
N VAL A 127 5.79 -22.61 -60.13
CA VAL A 127 7.23 -22.58 -60.37
C VAL A 127 7.52 -21.32 -61.17
N GLU A 128 8.53 -20.54 -60.76
CA GLU A 128 8.69 -19.21 -61.31
C GLU A 128 8.81 -19.27 -62.81
N LYS A 129 9.81 -19.99 -63.29
CA LYS A 129 10.01 -20.31 -64.69
C LYS A 129 10.17 -21.82 -64.85
N SER A 130 9.53 -22.39 -65.88
CA SER A 130 9.34 -23.83 -65.95
C SER A 130 10.68 -24.55 -66.00
N LYS A 131 11.50 -24.21 -66.97
CA LYS A 131 12.84 -24.76 -66.95
C LYS A 131 13.87 -23.68 -67.28
N GLU A 132 13.50 -22.41 -67.18
CA GLU A 132 14.41 -21.33 -67.53
C GLU A 132 15.36 -20.99 -66.39
N ASP A 133 16.10 -19.91 -66.59
CA ASP A 133 17.16 -19.47 -65.68
C ASP A 133 16.65 -19.24 -64.26
N LYS A 134 15.32 -19.25 -64.10
CA LYS A 134 14.62 -18.96 -62.85
C LYS A 134 13.61 -20.07 -62.51
N ASP A 135 14.10 -21.30 -62.42
CA ASP A 135 13.24 -22.44 -62.12
C ASP A 135 13.37 -22.81 -60.64
N ILE A 136 12.39 -22.35 -59.85
CA ILE A 136 12.35 -22.57 -58.41
C ILE A 136 10.91 -22.69 -57.95
N VAL A 137 10.73 -23.29 -56.78
CA VAL A 137 9.42 -23.44 -56.17
C VAL A 137 9.13 -22.22 -55.28
N ALA A 138 7.91 -21.69 -55.39
CA ALA A 138 7.51 -20.56 -54.57
C ALA A 138 6.00 -20.55 -54.43
N GLU A 139 5.53 -20.12 -53.25
CA GLU A 139 4.11 -20.04 -52.92
C GLU A 139 3.47 -21.43 -52.93
N LEU A 140 3.99 -22.32 -52.10
CA LEU A 140 3.44 -23.66 -52.01
C LEU A 140 3.21 -24.12 -50.57
N ASP A 141 2.24 -25.02 -50.41
CA ASP A 141 1.61 -25.37 -49.15
C ASP A 141 2.17 -26.66 -48.54
N VAL A 142 1.81 -26.88 -47.26
CA VAL A 142 2.21 -28.03 -46.44
C VAL A 142 1.06 -28.40 -45.51
N PHE A 143 0.77 -29.69 -45.43
CA PHE A 143 -0.12 -30.17 -44.37
C PHE A 143 0.64 -30.48 -43.09
N MET A 144 -0.08 -30.45 -41.97
CA MET A 144 0.51 -30.64 -40.67
C MET A 144 -0.58 -30.94 -39.65
N ASN A 145 -0.19 -31.66 -38.59
CA ASN A 145 -1.11 -31.99 -37.50
C ASN A 145 -1.28 -30.78 -36.57
N SER A 146 -2.53 -30.55 -36.14
CA SER A 146 -2.79 -29.46 -35.21
C SER A 146 -2.20 -29.76 -33.83
N SER A 147 -2.33 -31.01 -33.37
CA SER A 147 -1.76 -31.40 -32.08
C SER A 147 -0.26 -31.15 -32.06
N TRP A 148 0.43 -31.50 -33.14
CA TRP A 148 1.88 -31.34 -33.19
C TRP A 148 2.26 -29.86 -33.19
N ALA A 149 1.59 -29.05 -34.02
CA ALA A 149 1.91 -27.63 -34.08
C ALA A 149 1.58 -26.93 -32.77
N SER A 150 0.53 -27.38 -32.09
CA SER A 150 0.19 -26.80 -30.79
C SER A 150 1.25 -27.14 -29.75
N GLU A 151 1.71 -28.40 -29.70
CA GLU A 151 2.74 -28.74 -28.72
C GLU A 151 4.07 -28.07 -29.04
N PHE A 152 4.35 -27.84 -30.33
CA PHE A 152 5.54 -27.09 -30.73
C PHE A 152 5.47 -25.65 -30.27
N TYR A 153 4.33 -25.01 -30.49
CA TYR A 153 4.18 -23.60 -30.11
C TYR A 153 4.11 -23.44 -28.59
N ASP A 154 3.47 -24.39 -27.91
CA ASP A 154 3.37 -24.37 -26.45
C ASP A 154 4.75 -24.44 -25.81
N SER A 155 5.67 -25.18 -26.41
CA SER A 155 7.03 -25.29 -25.91
C SER A 155 7.89 -24.09 -26.28
N CYS A 156 7.36 -23.13 -27.04
CA CYS A 156 8.15 -22.00 -27.49
C CYS A 156 7.44 -20.66 -27.35
N LYS A 157 6.23 -20.63 -26.77
CA LYS A 157 5.41 -19.42 -26.81
C LYS A 157 5.95 -18.33 -25.89
N ASN A 158 6.66 -18.69 -24.83
CA ASN A 158 7.26 -17.72 -23.91
C ASN A 158 8.72 -18.08 -23.69
N ILE A 159 9.63 -17.35 -24.34
CA ILE A 159 11.06 -17.59 -24.24
C ILE A 159 11.78 -16.25 -24.16
N LYS A 160 12.62 -16.08 -23.15
CA LYS A 160 13.41 -14.87 -23.01
C LYS A 160 14.63 -14.92 -23.92
N PHE A 161 15.23 -13.75 -24.13
CA PHE A 161 16.38 -13.63 -25.02
C PHE A 161 17.67 -13.92 -24.25
N SER A 162 18.77 -14.06 -24.99
CA SER A 162 20.06 -14.37 -24.37
C SER A 162 20.79 -13.09 -23.96
N ALA A 163 20.98 -12.17 -24.89
CA ALA A 163 21.71 -10.94 -24.59
C ALA A 163 20.86 -9.96 -23.77
N THR A 164 19.54 -10.13 -23.74
CA THR A 164 18.67 -9.25 -22.98
C THR A 164 17.53 -10.07 -22.38
N ASN A 165 16.64 -9.39 -21.67
CA ASN A 165 15.48 -10.02 -21.06
C ASN A 165 14.27 -9.99 -21.97
N GLY A 166 14.45 -9.63 -23.25
CA GLY A 166 13.33 -9.55 -24.15
C GLY A 166 12.83 -10.90 -24.59
N TYR A 167 11.57 -10.94 -25.03
CA TYR A 167 10.97 -12.16 -25.53
C TYR A 167 11.58 -12.52 -26.89
N ALA A 168 12.24 -13.68 -26.95
CA ALA A 168 12.77 -14.17 -28.23
C ALA A 168 11.64 -14.61 -29.16
N MET A 169 10.62 -15.24 -28.60
CA MET A 169 9.41 -15.52 -29.36
C MET A 169 8.85 -14.25 -30.00
N ASP A 170 8.98 -13.11 -29.32
CA ASP A 170 8.48 -11.86 -29.90
C ASP A 170 9.30 -11.47 -31.12
N LEU A 171 10.60 -11.79 -31.13
CA LEU A 171 11.40 -11.60 -32.32
C LEU A 171 11.01 -12.55 -33.44
N ILE A 172 10.45 -13.71 -33.13
CA ILE A 172 10.19 -14.70 -34.17
C ILE A 172 8.70 -14.87 -34.50
N GLY A 173 7.81 -14.16 -33.83
CA GLY A 173 6.39 -14.30 -34.07
C GLY A 173 5.63 -13.00 -33.91
N GLY A 174 6.39 -11.94 -33.68
CA GLY A 174 5.77 -10.69 -33.31
C GLY A 174 5.00 -10.84 -32.02
N GLY A 175 3.98 -10.01 -31.85
CA GLY A 175 3.06 -10.21 -30.75
C GLY A 175 2.12 -11.36 -31.04
N ALA A 176 2.68 -12.56 -31.25
CA ALA A 176 1.92 -13.68 -31.80
C ALA A 176 0.81 -14.14 -30.87
N LYS A 177 1.17 -14.72 -29.72
CA LYS A 177 0.22 -15.33 -28.80
C LYS A 177 -0.71 -16.29 -29.56
N ASN A 178 -0.17 -16.95 -30.58
CA ASN A 178 -0.96 -17.78 -31.49
C ASN A 178 -0.01 -18.62 -32.35
N TYR A 179 -0.29 -19.91 -32.52
CA TYR A 179 0.63 -20.77 -33.27
C TYR A 179 0.51 -20.55 -34.77
N SER A 180 -0.71 -20.32 -35.27
CA SER A 180 -0.87 -20.07 -36.70
C SER A 180 -0.24 -18.75 -37.11
N GLN A 181 -0.37 -17.72 -36.26
CA GLN A 181 0.26 -16.44 -36.54
C GLN A 181 1.78 -16.52 -36.50
N PHE A 182 2.32 -17.48 -35.74
CA PHE A 182 3.75 -17.76 -35.76
C PHE A 182 4.16 -18.59 -36.98
N LEU A 183 3.28 -19.45 -37.48
CA LEU A 183 3.58 -20.20 -38.70
C LEU A 183 3.69 -19.26 -39.89
N LYS A 184 2.77 -18.30 -39.99
CA LYS A 184 2.82 -17.39 -41.14
C LYS A 184 4.00 -16.42 -41.09
N PHE A 185 4.64 -16.26 -39.93
CA PHE A 185 5.88 -15.49 -39.86
C PHE A 185 6.96 -16.11 -40.74
N LEU A 186 6.88 -17.40 -40.97
CA LEU A 186 7.85 -18.16 -41.73
C LEU A 186 7.55 -18.12 -43.23
N GLY A 187 6.46 -17.48 -43.64
CA GLY A 187 6.04 -17.50 -45.02
C GLY A 187 6.99 -16.87 -46.01
N ASP A 188 7.16 -15.55 -45.97
CA ASP A 188 7.96 -14.82 -46.94
C ASP A 188 8.87 -13.85 -46.20
N ALA A 189 10.13 -13.79 -46.61
CA ALA A 189 11.10 -12.96 -45.90
C ALA A 189 12.27 -12.67 -46.82
N LYS A 190 13.15 -11.77 -46.37
CA LYS A 190 14.42 -11.43 -47.01
C LYS A 190 15.44 -12.58 -47.06
N PRO A 191 15.58 -13.40 -46.01
CA PRO A 191 16.47 -14.54 -46.11
C PRO A 191 15.82 -15.62 -46.95
N MET A 192 16.56 -16.65 -47.22
CA MET A 192 16.79 -17.27 -48.53
C MET A 192 15.58 -17.14 -49.48
N LEU A 193 14.48 -17.82 -49.26
CA LEU A 193 13.28 -17.67 -50.10
C LEU A 193 12.04 -17.95 -49.29
N GLY A 194 11.00 -17.17 -49.54
CA GLY A 194 9.73 -17.38 -48.91
C GLY A 194 8.86 -18.34 -49.71
N GLY A 195 8.44 -19.42 -49.06
CA GLY A 195 7.61 -20.41 -49.72
C GLY A 195 6.18 -20.43 -49.23
N SER A 196 5.91 -19.77 -48.10
CA SER A 196 4.61 -19.73 -47.41
C SER A 196 4.01 -21.12 -47.28
N PRO A 197 4.64 -22.02 -46.50
CA PRO A 197 4.23 -23.43 -46.50
C PRO A 197 2.98 -23.80 -45.70
N PHE A 198 2.84 -23.30 -44.48
CA PHE A 198 2.06 -24.04 -43.48
C PHE A 198 0.55 -23.85 -43.69
N GLN A 199 -0.14 -24.96 -43.93
CA GLN A 199 -1.60 -25.02 -44.03
C GLN A 199 -2.03 -26.28 -43.30
N ILE A 200 -2.45 -26.11 -42.05
CA ILE A 200 -2.61 -27.26 -41.16
C ILE A 200 -3.79 -28.14 -41.59
N ASN A 201 -4.92 -27.52 -41.95
CA ASN A 201 -6.17 -28.25 -42.03
C ASN A 201 -6.38 -28.96 -43.37
N TYR A 202 -6.89 -30.21 -43.29
CA TYR A 202 -7.10 -31.22 -44.36
C TYR A 202 -8.40 -32.02 -44.08
N LYS A 203 -9.53 -31.29 -43.99
CA LYS A 203 -10.75 -31.87 -43.41
C LYS A 203 -11.31 -33.04 -44.23
N TYR A 204 -11.33 -32.97 -45.56
CA TYR A 204 -12.12 -33.92 -46.34
C TYR A 204 -11.31 -34.52 -47.50
N ASP A 205 -11.33 -35.86 -47.61
CA ASP A 205 -10.70 -36.65 -48.69
C ASP A 205 -9.26 -36.24 -49.01
N LEU A 206 -8.42 -36.31 -47.99
CA LEU A 206 -6.99 -36.10 -48.13
C LEU A 206 -6.32 -36.86 -49.29
N ALA A 207 -6.29 -38.19 -49.23
CA ALA A 207 -5.74 -38.99 -50.34
C ALA A 207 -5.93 -40.47 -49.98
N ASN A 208 -5.41 -41.36 -50.84
CA ASN A 208 -5.50 -42.77 -50.53
C ASN A 208 -4.53 -43.12 -49.42
N GLU A 209 -4.84 -44.17 -48.66
CA GLU A 209 -3.99 -44.57 -47.56
C GLU A 209 -2.60 -44.98 -48.07
N GLU A 210 -1.57 -44.29 -47.55
CA GLU A 210 -0.14 -44.46 -47.84
C GLU A 210 0.25 -43.98 -49.23
N LYS A 211 -0.68 -43.48 -50.04
CA LYS A 211 -0.33 -42.86 -51.32
C LYS A 211 -0.87 -41.46 -51.28
N GLU A 212 -0.03 -40.54 -50.84
CA GLU A 212 -0.30 -39.13 -50.69
C GLU A 212 -1.12 -38.82 -49.44
N TRP A 213 -1.53 -39.83 -48.69
CA TRP A 213 -1.90 -39.59 -47.31
C TRP A 213 -0.71 -38.98 -46.56
N GLN A 214 -0.93 -37.84 -45.89
CA GLN A 214 0.21 -37.12 -45.31
C GLN A 214 -0.21 -36.30 -44.09
N GLU A 215 0.20 -36.76 -42.91
CA GLU A 215 0.12 -36.00 -41.67
C GLU A 215 1.53 -35.89 -41.10
N PHE A 216 1.75 -34.89 -40.27
CA PHE A 216 3.10 -34.53 -39.82
C PHE A 216 3.17 -34.53 -38.31
N ASN A 217 4.03 -35.37 -37.76
CA ASN A 217 4.43 -35.32 -36.35
C ASN A 217 5.60 -36.28 -36.13
N ASP A 218 6.58 -35.85 -35.32
CA ASP A 218 7.76 -36.65 -35.01
C ASP A 218 8.08 -36.59 -33.51
N GLU A 219 7.05 -36.83 -32.68
CA GLU A 219 7.22 -36.97 -31.23
C GLU A 219 7.82 -35.69 -30.63
N VAL A 220 7.02 -34.63 -30.67
CA VAL A 220 7.47 -33.32 -30.23
C VAL A 220 7.68 -33.30 -28.72
N TYR A 221 8.88 -32.90 -28.29
CA TYR A 221 9.21 -32.77 -26.88
C TYR A 221 8.64 -31.48 -26.32
N ALA A 222 8.82 -31.30 -25.01
CA ALA A 222 8.41 -30.07 -24.34
C ALA A 222 9.29 -29.90 -23.12
N CYS A 223 8.90 -28.94 -22.26
CA CYS A 223 9.65 -28.70 -21.03
C CYS A 223 9.52 -29.88 -20.07
N ASP A 224 8.35 -30.52 -20.04
CA ASP A 224 8.10 -31.69 -19.23
C ASP A 224 7.59 -32.82 -20.12
N ASP A 225 7.37 -33.98 -19.52
CA ASP A 225 7.18 -35.24 -20.25
C ASP A 225 8.29 -35.40 -21.27
N ALA A 226 9.51 -35.09 -20.86
CA ALA A 226 10.67 -35.15 -21.74
C ALA A 226 11.93 -35.24 -20.87
N GLN A 227 12.92 -35.97 -21.36
CA GLN A 227 14.20 -36.04 -20.67
C GLN A 227 14.87 -34.68 -20.61
N TYR A 228 14.51 -33.77 -21.51
CA TYR A 228 15.01 -32.41 -21.51
C TYR A 228 14.05 -31.51 -20.76
N LYS A 229 14.59 -30.45 -20.16
CA LYS A 229 13.81 -29.55 -19.32
C LYS A 229 14.36 -28.14 -19.46
N CYS A 230 13.46 -27.17 -19.49
CA CYS A 230 13.80 -25.76 -19.60
C CYS A 230 13.70 -25.10 -18.22
N ALA A 231 13.76 -23.76 -18.20
CA ALA A 231 13.74 -23.01 -16.96
C ALA A 231 12.35 -22.43 -16.70
N CYS A 232 12.07 -22.18 -15.41
CA CYS A 232 10.82 -21.54 -15.02
C CYS A 232 10.72 -20.11 -15.52
N SER A 233 11.84 -19.37 -15.50
CA SER A 233 11.86 -18.04 -16.09
C SER A 233 11.60 -18.09 -17.59
N ASP A 234 11.89 -19.23 -18.23
CA ASP A 234 11.53 -19.43 -19.63
C ASP A 234 10.16 -20.07 -19.78
N CYS A 235 9.99 -21.27 -19.24
CA CYS A 235 8.84 -22.10 -19.54
C CYS A 235 7.86 -22.12 -18.37
N GLN A 236 6.56 -22.10 -18.67
CA GLN A 236 5.57 -22.15 -17.60
C GLN A 236 5.46 -23.54 -16.99
N GLU A 237 5.84 -24.59 -17.71
CA GLU A 237 5.78 -25.94 -17.17
C GLU A 237 6.92 -26.21 -16.19
N SER A 238 8.10 -25.64 -16.44
CA SER A 238 9.22 -25.84 -15.54
C SER A 238 8.99 -25.20 -14.18
N CYS A 239 8.04 -24.29 -14.07
CA CYS A 239 7.71 -23.67 -12.80
C CYS A 239 6.96 -24.67 -11.93
N PRO A 240 6.81 -24.38 -10.62
CA PRO A 240 6.05 -25.32 -9.78
C PRO A 240 4.60 -25.43 -10.21
N HIS A 241 4.23 -26.58 -10.77
CA HIS A 241 2.82 -26.87 -11.04
C HIS A 241 2.02 -26.81 -9.76
N LEU A 242 2.62 -27.18 -8.64
CA LEU A 242 2.12 -26.83 -7.31
C LEU A 242 2.52 -25.40 -6.96
N LYS A 243 2.02 -24.46 -7.78
CA LYS A 243 1.94 -23.07 -7.36
C LYS A 243 1.14 -23.01 -6.06
N PRO A 244 1.50 -22.10 -5.11
CA PRO A 244 1.08 -22.30 -3.71
C PRO A 244 -0.40 -22.61 -3.55
N LEU A 245 -0.67 -23.86 -3.19
CA LEU A 245 -2.00 -24.42 -3.38
C LEU A 245 -2.96 -23.98 -2.30
N LYS A 246 -2.45 -23.76 -1.08
CA LYS A 246 -3.31 -23.30 0.01
C LYS A 246 -3.78 -21.87 -0.24
N ASP A 247 -2.97 -21.05 -0.92
CA ASP A 247 -3.35 -19.75 -1.46
C ASP A 247 -3.69 -18.75 -0.35
N GLY A 248 -3.68 -19.20 0.90
CA GLY A 248 -4.12 -18.40 2.01
C GLY A 248 -5.63 -18.24 2.06
N VAL A 249 -6.13 -17.92 3.25
CA VAL A 249 -7.56 -17.63 3.42
C VAL A 249 -7.87 -16.32 2.71
N CYS A 250 -8.83 -16.36 1.79
CA CYS A 250 -9.23 -15.15 1.08
C CYS A 250 -9.80 -14.11 2.02
N LYS A 251 -10.17 -14.51 3.25
CA LYS A 251 -10.63 -13.64 4.33
C LYS A 251 -11.94 -12.95 4.02
N VAL A 252 -12.58 -13.29 2.90
CA VAL A 252 -13.89 -12.77 2.53
C VAL A 252 -14.76 -13.95 2.09
N GLY A 253 -16.01 -13.94 2.53
CA GLY A 253 -16.94 -14.96 2.14
C GLY A 253 -18.16 -14.35 1.47
N PRO A 254 -18.73 -15.07 0.51
CA PRO A 254 -20.07 -14.69 0.02
C PRO A 254 -21.08 -14.56 1.14
N LEU A 255 -20.92 -15.37 2.19
CA LEU A 255 -21.56 -15.13 3.46
C LEU A 255 -20.56 -14.50 4.41
N PRO A 256 -20.83 -13.33 4.99
CA PRO A 256 -19.93 -12.78 6.01
C PRO A 256 -19.96 -13.65 7.26
N CYS A 257 -18.79 -14.23 7.59
CA CYS A 257 -18.70 -15.21 8.67
C CYS A 257 -19.24 -14.65 9.98
N PHE A 258 -18.69 -13.53 10.43
CA PHE A 258 -19.13 -12.93 11.69
C PHE A 258 -20.58 -12.49 11.60
N SER A 259 -20.99 -11.87 10.49
CA SER A 259 -22.37 -11.41 10.36
C SER A 259 -23.35 -12.56 10.36
N LEU A 260 -23.01 -13.66 9.69
CA LEU A 260 -23.91 -14.80 9.66
C LEU A 260 -23.99 -15.45 11.03
N SER A 261 -22.87 -15.55 11.74
CA SER A 261 -22.92 -16.09 13.09
C SER A 261 -23.80 -15.24 14.00
N VAL A 262 -23.71 -13.90 13.86
CA VAL A 262 -24.58 -13.01 14.63
C VAL A 262 -26.05 -13.25 14.28
N LEU A 263 -26.37 -13.32 12.99
CA LEU A 263 -27.75 -13.56 12.57
C LEU A 263 -28.30 -14.84 13.18
N ILE A 264 -27.59 -15.95 13.01
CA ILE A 264 -28.14 -17.23 13.46
C ILE A 264 -28.22 -17.29 14.99
N PHE A 265 -27.27 -16.66 15.68
CA PHE A 265 -27.33 -16.65 17.14
C PHE A 265 -28.52 -15.84 17.63
N TYR A 266 -28.87 -14.77 16.93
CA TYR A 266 -30.07 -14.03 17.31
C TYR A 266 -31.35 -14.74 16.86
N THR A 267 -31.28 -15.53 15.78
CA THR A 267 -32.48 -16.16 15.23
C THR A 267 -32.92 -17.35 16.06
N ILE A 268 -31.96 -18.12 16.57
CA ILE A 268 -32.32 -19.23 17.45
C ILE A 268 -32.95 -18.72 18.73
N CYS A 269 -32.63 -17.48 19.13
CA CYS A 269 -33.31 -16.84 20.24
C CYS A 269 -34.64 -16.24 19.79
N ALA A 270 -34.73 -15.81 18.52
CA ALA A 270 -35.93 -15.20 17.99
C ALA A 270 -37.08 -16.21 17.88
N LEU A 271 -36.75 -17.48 17.67
CA LEU A 271 -37.79 -18.51 17.70
C LEU A 271 -38.33 -18.69 19.13
N PHE A 272 -37.43 -18.86 20.10
CA PHE A 272 -37.83 -19.19 21.46
C PHE A 272 -38.57 -18.04 22.12
N ALA A 273 -38.19 -16.78 21.83
CA ALA A 273 -38.84 -15.65 22.48
C ALA A 273 -40.32 -15.56 22.16
N PHE A 274 -40.76 -16.13 21.03
CA PHE A 274 -42.17 -16.15 20.67
C PHE A 274 -42.82 -17.51 20.92
N MET A 275 -42.05 -18.59 20.84
CA MET A 275 -42.60 -19.92 21.05
C MET A 275 -42.76 -20.29 22.52
N TRP A 276 -42.05 -19.64 23.44
CA TRP A 276 -42.13 -20.01 24.85
C TRP A 276 -43.33 -19.40 25.56
N TYR A 277 -44.04 -18.46 24.93
CA TYR A 277 -45.38 -18.08 25.38
C TYR A 277 -46.44 -18.41 24.34
N TYR A 278 -46.05 -18.84 23.14
CA TYR A 278 -47.02 -19.43 22.21
C TYR A 278 -47.74 -20.64 22.81
N LEU A 279 -47.18 -21.28 23.83
CA LEU A 279 -47.82 -22.44 24.46
C LEU A 279 -49.08 -22.05 25.23
N THR A 316 -19.66 -5.46 54.80
CA THR A 316 -19.56 -4.95 56.17
C THR A 316 -18.53 -3.88 56.26
N ASN A 317 -17.55 -3.99 55.36
CA ASN A 317 -16.44 -3.07 55.26
C ASN A 317 -16.90 -1.74 54.60
N PHE A 318 -16.34 -0.60 55.07
CA PHE A 318 -16.80 0.73 54.70
C PHE A 318 -15.63 1.55 54.13
N PHE A 319 -14.74 0.87 53.40
CA PHE A 319 -13.59 1.52 52.76
C PHE A 319 -14.05 2.53 51.73
N ASN A 320 -14.73 2.06 50.68
CA ASN A 320 -15.28 2.97 49.69
C ASN A 320 -16.68 3.46 50.07
N GLY A 321 -17.34 2.81 51.02
CA GLY A 321 -18.62 3.31 51.47
C GLY A 321 -18.49 4.60 52.26
N LYS A 322 -17.42 4.73 53.05
CA LYS A 322 -17.13 5.93 53.82
C LYS A 322 -15.74 6.45 53.50
N LEU A 323 -15.34 6.37 52.23
CA LEU A 323 -14.11 6.98 51.74
C LEU A 323 -14.17 8.50 51.81
N ALA A 324 -15.37 9.05 51.93
CA ALA A 324 -15.60 10.49 51.87
C ALA A 324 -15.11 11.22 53.12
N ASN A 325 -14.48 10.54 54.08
CA ASN A 325 -13.72 11.28 55.09
C ASN A 325 -12.46 11.89 54.49
N LEU A 326 -11.88 11.28 53.46
CA LEU A 326 -10.73 11.90 52.83
C LEU A 326 -11.16 13.02 51.87
N PHE A 327 -12.30 12.86 51.21
CA PHE A 327 -12.84 13.94 50.40
C PHE A 327 -13.39 15.07 51.26
N THR A 328 -13.83 14.76 52.48
CA THR A 328 -14.27 15.80 53.39
C THR A 328 -13.11 16.70 53.80
N LYS A 329 -12.06 16.10 54.36
CA LYS A 329 -10.94 16.89 54.87
C LYS A 329 -10.17 17.61 53.78
N VAL A 330 -10.20 17.13 52.53
CA VAL A 330 -9.63 17.94 51.46
C VAL A 330 -10.50 19.17 51.21
N GLY A 331 -11.83 18.98 51.12
CA GLY A 331 -12.70 20.12 50.91
C GLY A 331 -12.62 21.11 52.06
N GLN A 332 -12.62 20.60 53.29
CA GLN A 332 -12.40 21.45 54.46
C GLN A 332 -11.03 22.10 54.43
N PHE A 333 -10.06 21.46 53.79
CA PHE A 333 -8.77 22.12 53.60
C PHE A 333 -8.82 23.13 52.48
N SER A 334 -9.72 22.94 51.51
CA SER A 334 -9.80 23.87 50.38
C SER A 334 -10.42 25.20 50.78
N VAL A 335 -11.39 25.18 51.70
CA VAL A 335 -12.02 26.42 52.13
C VAL A 335 -11.16 27.19 53.13
N GLU A 336 -10.17 26.56 53.72
CA GLU A 336 -9.28 27.21 54.68
C GLU A 336 -7.99 27.58 53.96
N ASN A 337 -7.66 28.87 53.96
CA ASN A 337 -6.64 29.44 53.08
C ASN A 337 -6.91 29.06 51.62
N PRO A 338 -8.07 29.43 51.06
CA PRO A 338 -8.31 29.17 49.64
C PRO A 338 -7.53 30.11 48.73
N TYR A 339 -7.19 31.30 49.22
CA TYR A 339 -6.45 32.25 48.40
C TYR A 339 -5.13 31.68 47.94
N LYS A 340 -4.40 31.03 48.84
CA LYS A 340 -3.13 30.45 48.41
C LYS A 340 -3.37 29.31 47.44
N ILE A 341 -4.49 28.61 47.56
CA ILE A 341 -4.78 27.56 46.59
C ILE A 341 -4.96 28.17 45.21
N LEU A 342 -5.71 29.27 45.14
CA LEU A 342 -5.89 29.96 43.87
C LEU A 342 -4.61 30.63 43.40
N ILE A 343 -3.83 31.15 44.34
CA ILE A 343 -2.56 31.80 44.01
C ILE A 343 -1.58 30.77 43.46
N THR A 344 -1.45 29.63 44.14
CA THR A 344 -0.58 28.56 43.68
C THR A 344 -1.01 28.04 42.32
N THR A 345 -2.33 27.92 42.09
CA THR A 345 -2.81 27.49 40.78
C THR A 345 -2.46 28.50 39.70
N VAL A 346 -2.74 29.79 39.95
CA VAL A 346 -2.52 30.80 38.92
C VAL A 346 -1.03 31.04 38.69
N PHE A 347 -0.18 30.82 39.70
CA PHE A 347 1.26 30.93 39.51
C PHE A 347 1.83 29.72 38.79
N SER A 348 1.38 28.52 39.14
CA SER A 348 1.78 27.32 38.43
C SER A 348 1.40 27.39 36.95
N ILE A 349 0.30 28.08 36.63
CA ILE A 349 0.01 28.31 35.21
C ILE A 349 1.13 29.10 34.54
N PHE A 350 1.62 30.15 35.20
CA PHE A 350 2.73 30.91 34.63
C PHE A 350 3.96 30.02 34.46
N VAL A 351 4.24 29.18 35.48
CA VAL A 351 5.40 28.29 35.43
C VAL A 351 5.30 27.33 34.23
N PHE A 352 4.14 26.69 34.05
CA PHE A 352 4.05 25.69 32.98
C PHE A 352 3.94 26.34 31.61
N SER A 353 3.18 27.42 31.47
CA SER A 353 3.12 28.07 30.16
C SER A 353 4.50 28.59 29.75
N PHE A 354 5.29 29.04 30.73
CA PHE A 354 6.70 29.30 30.50
C PHE A 354 7.43 28.08 29.95
N ILE A 355 7.37 26.95 30.66
CA ILE A 355 8.08 25.76 30.22
C ILE A 355 7.71 25.41 28.79
N ILE A 356 6.43 25.46 28.47
CA ILE A 356 5.97 25.08 27.14
C ILE A 356 6.51 26.04 26.09
N PHE A 357 6.55 27.33 26.40
CA PHE A 357 7.02 28.26 25.37
C PHE A 357 8.52 28.07 25.12
N GLN A 358 9.32 27.89 26.16
CA GLN A 358 10.75 27.82 25.86
C GLN A 358 11.23 26.40 25.59
N TYR A 359 10.77 25.44 26.37
CA TYR A 359 11.27 24.08 26.35
C TYR A 359 10.27 23.13 25.67
N ALA A 360 10.80 22.12 24.99
CA ALA A 360 10.01 21.13 24.26
C ALA A 360 9.07 21.81 23.26
N THR A 361 9.59 22.83 22.56
CA THR A 361 8.80 23.52 21.54
C THR A 361 8.48 22.62 20.37
N LEU A 362 9.22 21.52 20.20
CA LEU A 362 8.94 20.60 19.11
C LEU A 362 7.56 20.01 19.27
N GLU A 363 6.89 19.79 18.14
CA GLU A 363 5.50 19.35 18.13
C GLU A 363 5.38 18.05 17.34
N THR A 364 6.47 17.26 17.33
CA THR A 364 6.64 16.00 16.60
C THR A 364 5.95 16.03 15.23
N ASP A 365 6.29 17.05 14.44
CA ASP A 365 5.84 17.14 13.07
C ASP A 365 6.28 15.96 12.19
N PRO A 366 7.50 15.39 12.32
CA PRO A 366 7.84 14.24 11.49
C PRO A 366 6.87 13.08 11.63
N ILE A 367 6.96 12.16 10.67
CA ILE A 367 6.02 11.07 10.46
C ILE A 367 6.35 9.89 11.35
N ASN A 368 7.34 10.06 12.22
CA ASN A 368 7.74 9.00 13.15
C ASN A 368 6.72 8.75 14.26
N LEU A 369 5.56 9.43 14.25
CA LEU A 369 4.55 9.19 15.28
C LEU A 369 3.65 8.02 14.94
N TRP A 370 3.42 7.75 13.65
CA TRP A 370 2.58 6.61 13.29
C TRP A 370 3.34 5.28 13.38
N VAL A 371 4.63 5.29 13.06
CA VAL A 371 5.40 4.05 12.99
C VAL A 371 5.87 3.64 14.38
N SER A 372 5.75 2.36 14.69
CA SER A 372 6.20 1.83 15.97
C SER A 372 7.71 1.62 15.96
N LYS A 373 8.40 2.22 16.93
CA LYS A 373 9.82 1.97 17.08
C LYS A 373 10.04 0.53 17.56
N ASN A 374 11.25 0.03 17.33
CA ASN A 374 11.65 -1.32 17.71
C ASN A 374 10.81 -2.40 17.03
N SER A 375 10.16 -2.04 15.91
CA SER A 375 9.38 -2.97 15.12
C SER A 375 10.25 -3.64 14.06
N GLU A 376 9.69 -4.66 13.40
CA GLU A 376 10.43 -5.34 12.34
C GLU A 376 10.67 -4.40 11.17
N LYS A 377 9.60 -3.83 10.63
CA LYS A 377 9.71 -3.04 9.40
C LYS A 377 10.51 -1.76 9.58
N PHE A 378 10.60 -1.22 10.79
CA PHE A 378 11.42 -0.02 10.97
C PHE A 378 12.90 -0.36 10.96
N LYS A 379 13.29 -1.42 11.66
CA LYS A 379 14.66 -1.88 11.59
C LYS A 379 15.02 -2.22 10.15
N GLU A 380 14.09 -2.81 9.41
CA GLU A 380 14.34 -3.16 8.02
C GLU A 380 14.49 -1.90 7.15
N LYS A 381 13.74 -0.86 7.46
CA LYS A 381 13.83 0.40 6.72
C LYS A 381 15.18 1.09 6.93
N GLU A 382 15.66 1.11 8.18
CA GLU A 382 16.98 1.69 8.40
C GLU A 382 18.06 0.85 7.73
N TYR A 383 17.92 -0.47 7.77
CA TYR A 383 18.92 -1.31 7.11
C TYR A 383 18.94 -1.04 5.62
N PHE A 384 17.80 -0.68 5.04
CA PHE A 384 17.80 -0.30 3.63
C PHE A 384 18.53 1.03 3.40
N ASP A 385 18.25 2.03 4.24
CA ASP A 385 18.86 3.33 3.99
C ASP A 385 20.37 3.27 4.15
N ASP A 386 20.87 2.52 5.14
CA ASP A 386 22.29 2.59 5.46
C ASP A 386 23.15 2.02 4.33
N ASN A 387 22.60 1.15 3.50
CA ASN A 387 23.37 0.43 2.50
C ASN A 387 23.04 0.84 1.08
N PHE A 388 21.77 1.12 0.78
CA PHE A 388 21.33 1.36 -0.58
C PHE A 388 20.81 2.78 -0.77
N GLY A 389 21.24 3.70 0.08
CA GLY A 389 20.80 5.07 0.01
C GLY A 389 19.35 5.23 0.41
N PRO A 390 18.85 6.46 0.34
CA PRO A 390 17.44 6.71 0.63
C PRO A 390 16.60 6.72 -0.65
N PHE A 391 15.29 6.51 -0.48
CA PHE A 391 14.38 6.50 -1.63
C PHE A 391 14.30 7.87 -2.28
N TYR A 392 14.47 7.89 -3.60
CA TYR A 392 14.71 9.14 -4.32
C TYR A 392 13.47 10.02 -4.25
N ARG A 393 13.67 11.33 -4.18
CA ARG A 393 12.50 12.19 -4.29
C ARG A 393 11.96 12.11 -5.70
N THR A 394 10.65 11.85 -5.81
CA THR A 394 9.97 11.64 -7.09
C THR A 394 9.18 12.89 -7.47
N GLU A 395 9.30 13.31 -8.74
CA GLU A 395 8.55 14.43 -9.33
C GLU A 395 7.96 13.90 -10.62
N GLN A 396 6.68 13.56 -10.59
CA GLN A 396 5.98 13.01 -11.74
C GLN A 396 5.14 14.09 -12.39
N ILE A 397 5.22 14.20 -13.71
CA ILE A 397 4.41 15.12 -14.49
C ILE A 397 3.64 14.34 -15.54
N PHE A 398 2.34 14.56 -15.59
CA PHE A 398 1.45 13.95 -16.57
C PHE A 398 1.23 14.92 -17.71
N VAL A 399 1.17 14.37 -18.93
CA VAL A 399 0.66 15.13 -20.07
C VAL A 399 -0.39 14.30 -20.78
N VAL A 400 -1.59 14.86 -20.96
CA VAL A 400 -2.78 14.10 -21.35
C VAL A 400 -3.64 14.88 -22.34
N ASN A 401 -4.10 14.17 -23.39
CA ASN A 401 -5.11 14.63 -24.34
C ASN A 401 -6.44 14.03 -23.92
N GLU A 402 -7.37 14.88 -23.48
CA GLU A 402 -8.71 14.40 -23.17
C GLU A 402 -9.43 14.05 -24.47
N THR A 403 -9.99 12.85 -24.50
CA THR A 403 -10.80 12.23 -25.56
C THR A 403 -9.93 11.69 -26.72
N GLY A 404 -8.62 11.92 -26.74
CA GLY A 404 -7.83 11.49 -27.88
C GLY A 404 -6.39 11.16 -27.54
N PRO A 405 -5.61 10.83 -28.56
CA PRO A 405 -4.18 10.54 -28.35
C PRO A 405 -3.33 11.80 -28.28
N VAL A 406 -2.20 11.69 -27.58
CA VAL A 406 -1.36 12.84 -27.29
C VAL A 406 -0.33 13.09 -28.39
N LEU A 407 0.27 12.02 -28.90
CA LEU A 407 1.51 12.12 -29.67
C LEU A 407 1.27 12.83 -31.00
N SER A 408 1.92 13.99 -31.16
CA SER A 408 1.90 14.73 -32.41
C SER A 408 3.24 15.46 -32.55
N TYR A 409 3.54 15.89 -33.77
CA TYR A 409 4.76 16.64 -34.02
C TYR A 409 4.72 18.03 -33.36
N GLU A 410 3.52 18.57 -33.13
CA GLU A 410 3.39 19.82 -32.39
C GLU A 410 3.72 19.63 -30.91
N THR A 411 3.31 18.50 -30.33
CA THR A 411 3.64 18.24 -28.92
C THR A 411 5.14 18.06 -28.73
N LEU A 412 5.82 17.39 -29.66
CA LEU A 412 7.28 17.30 -29.59
C LEU A 412 7.92 18.67 -29.79
N HIS A 413 7.38 19.49 -30.70
CA HIS A 413 7.92 20.83 -30.88
C HIS A 413 7.66 21.71 -29.66
N TRP A 414 6.71 21.33 -28.80
CA TRP A 414 6.49 22.01 -27.53
C TRP A 414 7.47 21.52 -26.45
N TRP A 415 7.62 20.21 -26.32
CA TRP A 415 8.47 19.65 -25.27
C TRP A 415 9.95 19.81 -25.57
N PHE A 416 10.29 20.12 -26.83
CA PHE A 416 11.65 20.54 -27.20
C PHE A 416 12.18 21.62 -26.27
N ASP A 417 11.36 22.64 -25.99
CA ASP A 417 11.80 23.74 -25.13
C ASP A 417 11.75 23.35 -23.65
N VAL A 418 10.84 22.44 -23.29
CA VAL A 418 10.59 22.15 -21.87
C VAL A 418 11.68 21.26 -21.28
N GLU A 419 12.09 20.22 -22.02
CA GLU A 419 13.05 19.26 -21.46
C GLU A 419 14.38 19.93 -21.10
N ASN A 420 14.75 20.99 -21.79
CA ASN A 420 15.95 21.74 -21.45
C ASN A 420 15.68 22.95 -20.56
N PHE A 421 14.50 23.57 -20.63
CA PHE A 421 14.24 24.68 -19.73
C PHE A 421 14.12 24.20 -18.28
N ILE A 422 13.79 22.92 -18.08
CA ILE A 422 13.84 22.35 -16.73
C ILE A 422 15.26 22.01 -16.28
N THR A 423 16.24 22.07 -17.16
CA THR A 423 17.63 22.10 -16.70
C THR A 423 18.10 23.52 -16.42
N GLU A 424 17.19 24.50 -16.48
CA GLU A 424 17.45 25.90 -16.21
C GLU A 424 16.63 26.42 -15.03
N GLU A 425 15.31 26.20 -15.05
CA GLU A 425 14.44 26.34 -13.88
C GLU A 425 14.47 27.73 -13.28
N LEU A 426 14.10 28.71 -14.11
CA LEU A 426 13.67 30.04 -13.66
C LEU A 426 14.63 30.69 -12.66
N GLN A 427 15.93 30.39 -12.75
CA GLN A 427 16.92 31.08 -11.91
C GLN A 427 16.59 30.96 -10.42
N SER A 428 16.72 29.73 -9.92
CA SER A 428 16.35 29.40 -8.55
C SER A 428 17.28 30.08 -7.56
N SER A 429 17.09 29.75 -6.28
CA SER A 429 17.79 30.39 -5.18
C SER A 429 19.29 30.12 -5.27
N GLU A 430 20.06 31.17 -5.58
CA GLU A 430 21.51 31.09 -5.75
C GLU A 430 21.90 30.03 -6.79
N ASN A 431 21.14 29.96 -7.87
CA ASN A 431 21.51 29.21 -9.07
C ASN A 431 21.80 27.74 -8.75
N ILE A 432 20.75 27.04 -8.36
CA ILE A 432 20.79 25.60 -8.12
C ILE A 432 20.18 24.90 -9.33
N GLY A 433 20.93 24.00 -9.95
CA GLY A 433 20.52 23.36 -11.20
C GLY A 433 20.09 21.92 -11.01
N TYR A 434 19.22 21.45 -11.90
CA TYR A 434 18.80 20.04 -11.90
C TYR A 434 19.98 19.13 -12.19
N GLN A 435 20.86 19.52 -13.12
CA GLN A 435 22.06 18.73 -13.38
C GLN A 435 22.95 18.65 -12.15
N ASP A 436 22.82 19.60 -11.23
CA ASP A 436 23.66 19.67 -10.03
C ASP A 436 23.09 18.86 -8.87
N LEU A 437 21.85 18.39 -8.97
CA LEU A 437 21.20 17.68 -7.88
C LEU A 437 20.50 16.40 -8.34
N CYS A 438 20.75 15.95 -9.57
CA CYS A 438 20.00 14.86 -10.17
C CYS A 438 20.38 13.51 -9.54
N PHE A 439 19.80 12.45 -10.10
CA PHE A 439 20.15 11.08 -9.74
C PHE A 439 21.20 10.56 -10.70
N ARG A 440 22.37 10.24 -10.18
CA ARG A 440 23.44 9.65 -10.98
C ARG A 440 23.73 8.25 -10.46
N PRO A 441 23.43 7.19 -11.23
CA PRO A 441 23.79 5.84 -10.78
C PRO A 441 25.30 5.68 -10.60
N THR A 442 26.09 6.33 -11.44
CA THR A 442 27.52 6.45 -11.22
C THR A 442 27.88 7.94 -11.29
N GLU A 443 28.99 8.32 -10.67
CA GLU A 443 29.34 9.75 -10.62
C GLU A 443 29.63 10.32 -12.01
N ASP A 444 30.16 9.50 -12.93
CA ASP A 444 30.39 9.95 -14.30
C ASP A 444 29.18 9.76 -15.20
N SER A 445 28.10 9.14 -14.70
CA SER A 445 26.90 8.95 -15.49
C SER A 445 26.12 10.25 -15.60
N THR A 446 25.31 10.35 -16.64
CA THR A 446 24.49 11.53 -16.87
C THR A 446 23.29 11.53 -15.94
N CYS A 447 22.64 12.69 -15.86
CA CYS A 447 21.44 12.82 -15.05
C CYS A 447 20.32 12.00 -15.67
N VAL A 448 19.64 11.23 -14.86
CA VAL A 448 18.56 10.41 -15.39
C VAL A 448 17.28 11.23 -15.39
N ILE A 449 16.39 10.91 -16.33
CA ILE A 449 15.08 11.50 -16.42
C ILE A 449 14.19 10.49 -17.14
N GLU A 450 13.05 10.11 -16.55
CA GLU A 450 12.17 9.16 -17.23
C GLU A 450 11.18 9.94 -18.07
N SER A 451 11.31 9.81 -19.38
CA SER A 451 10.47 10.46 -20.38
C SER A 451 10.87 9.84 -21.71
N PHE A 452 9.91 9.77 -22.62
CA PHE A 452 10.26 9.17 -23.90
C PHE A 452 11.26 10.01 -24.68
N THR A 453 11.61 11.20 -24.20
CA THR A 453 12.71 11.96 -24.78
C THR A 453 14.07 11.28 -24.58
N GLN A 454 14.18 10.37 -23.62
CA GLN A 454 15.42 9.63 -23.45
C GLN A 454 15.51 8.40 -24.34
N TYR A 455 14.40 7.97 -24.95
CA TYR A 455 14.48 7.07 -26.09
C TYR A 455 15.25 7.68 -27.24
N PHE A 456 15.34 9.02 -27.28
CA PHE A 456 16.04 9.73 -28.35
C PHE A 456 17.19 10.57 -27.82
N GLN A 457 17.60 10.35 -26.57
CA GLN A 457 18.73 11.04 -25.93
C GLN A 457 18.54 12.55 -25.91
N GLY A 458 17.31 13.02 -26.01
CA GLY A 458 17.04 14.44 -26.20
C GLY A 458 17.09 14.91 -27.63
N ALA A 459 17.79 14.19 -28.51
CA ALA A 459 17.83 14.52 -29.94
C ALA A 459 16.48 14.11 -30.53
N LEU A 460 15.49 14.98 -30.29
CA LEU A 460 14.09 14.60 -30.42
C LEU A 460 13.52 14.63 -31.83
N PRO A 461 13.57 15.75 -32.58
CA PRO A 461 12.76 15.84 -33.81
C PRO A 461 13.31 15.04 -34.98
N ASN A 462 12.63 13.93 -35.32
CA ASN A 462 12.85 13.20 -36.57
C ASN A 462 11.49 13.16 -37.26
N LYS A 463 11.18 14.22 -38.00
CA LYS A 463 9.80 14.45 -38.45
C LYS A 463 9.32 13.34 -39.37
N ASP A 464 10.20 12.84 -40.24
CA ASP A 464 9.78 11.90 -41.28
C ASP A 464 9.60 10.48 -40.75
N SER A 465 10.28 10.12 -39.68
CA SER A 465 10.29 8.73 -39.22
C SER A 465 10.25 8.62 -37.69
N TRP A 466 9.40 9.40 -37.04
CA TRP A 466 9.33 9.30 -35.58
C TRP A 466 8.36 8.23 -35.08
N LYS A 467 7.30 7.94 -35.84
CA LYS A 467 6.30 6.99 -35.42
C LYS A 467 6.89 5.59 -35.32
N ARG A 468 7.72 5.24 -36.29
CA ARG A 468 8.23 3.88 -36.34
C ARG A 468 9.32 3.67 -35.34
N GLU A 469 10.20 4.66 -35.27
CA GLU A 469 11.23 4.61 -34.26
C GLU A 469 10.59 4.52 -32.89
N LEU A 470 9.43 5.16 -32.69
CA LEU A 470 8.80 5.10 -31.39
C LEU A 470 8.11 3.75 -31.15
N GLN A 471 7.53 3.14 -32.20
CA GLN A 471 7.02 1.79 -32.07
C GLN A 471 8.15 0.78 -31.82
N GLU A 472 9.27 0.94 -32.51
CA GLU A 472 10.45 0.10 -32.26
C GLU A 472 10.92 0.22 -30.82
N CYS A 473 11.03 1.46 -30.33
CA CYS A 473 11.49 1.65 -28.96
C CYS A 473 10.47 1.13 -27.94
N GLY A 474 9.18 1.21 -28.25
CA GLY A 474 8.18 0.67 -27.35
C GLY A 474 8.25 -0.84 -27.26
N LYS A 475 8.30 -1.52 -28.41
CA LYS A 475 8.31 -2.98 -28.38
C LYS A 475 9.70 -3.51 -28.03
N PHE A 476 10.75 -2.98 -28.63
CA PHE A 476 12.11 -3.45 -28.44
C PHE A 476 12.91 -2.29 -27.83
N PRO A 477 12.87 -2.13 -26.51
CA PRO A 477 13.56 -1.00 -25.88
C PRO A 477 15.07 -1.03 -26.04
N VAL A 478 15.66 -2.20 -26.29
CA VAL A 478 17.08 -2.27 -26.56
C VAL A 478 17.35 -1.60 -27.90
N ASN A 479 18.57 -1.07 -28.05
CA ASN A 479 18.92 -0.18 -29.17
C ASN A 479 18.08 1.09 -29.16
N CYS A 480 17.46 1.39 -28.02
CA CYS A 480 16.78 2.65 -27.73
C CYS A 480 17.19 3.15 -26.35
N LEU A 481 18.46 3.01 -26.03
CA LEU A 481 18.99 3.32 -24.70
C LEU A 481 19.38 4.78 -24.60
N PRO A 482 19.04 5.42 -23.47
CA PRO A 482 19.40 6.83 -23.25
C PRO A 482 20.87 7.01 -22.92
N THR A 483 21.23 8.24 -22.50
CA THR A 483 22.61 8.51 -22.11
C THR A 483 23.08 7.55 -21.02
N PHE A 484 22.21 7.27 -20.06
CA PHE A 484 22.45 6.19 -19.12
C PHE A 484 21.98 4.86 -19.72
N GLN A 485 22.72 3.78 -19.42
CA GLN A 485 22.39 2.48 -19.98
C GLN A 485 21.10 1.87 -19.42
N GLN A 486 20.38 2.58 -18.54
CA GLN A 486 19.19 1.99 -17.96
C GLN A 486 18.02 2.06 -18.94
N PRO A 487 17.43 0.93 -19.33
CA PRO A 487 16.31 0.94 -20.28
C PRO A 487 15.03 1.44 -19.64
N LEU A 488 14.03 1.69 -20.48
CA LEU A 488 12.73 2.22 -20.05
C LEU A 488 11.57 1.46 -20.69
N LYS A 489 10.62 1.04 -19.86
CA LYS A 489 9.48 0.26 -20.29
C LYS A 489 8.26 1.18 -20.44
N THR A 490 7.46 0.94 -21.48
CA THR A 490 6.38 1.85 -21.85
C THR A 490 5.37 2.03 -20.73
N ASN A 491 4.98 0.94 -20.08
CA ASN A 491 4.02 1.01 -18.98
C ASN A 491 4.44 2.01 -17.90
N LEU A 492 5.75 2.17 -17.66
CA LEU A 492 6.22 3.18 -16.72
C LEU A 492 5.93 4.61 -17.19
N LEU A 493 5.95 4.86 -18.50
CA LEU A 493 5.76 6.23 -18.99
C LEU A 493 4.59 6.40 -19.96
N PHE A 494 3.68 5.43 -20.05
CA PHE A 494 2.53 5.56 -20.92
C PHE A 494 1.28 4.93 -20.29
N SER A 495 0.14 5.59 -20.50
CA SER A 495 -1.11 5.06 -19.99
C SER A 495 -1.51 3.78 -20.71
N ASP A 496 -1.36 3.76 -22.03
CA ASP A 496 -1.75 2.62 -22.84
C ASP A 496 -0.52 2.09 -23.57
N ASP A 497 -0.59 0.83 -23.99
CA ASP A 497 0.59 0.19 -24.59
C ASP A 497 0.87 0.71 -25.99
N ASP A 498 -0.14 0.68 -26.87
CA ASP A 498 0.02 1.25 -28.20
C ASP A 498 0.19 2.76 -28.09
N ILE A 499 1.43 3.22 -28.27
CA ILE A 499 1.77 4.60 -27.98
C ILE A 499 1.00 5.56 -28.88
N LEU A 500 0.83 5.17 -30.15
CA LEU A 500 0.18 6.03 -31.12
C LEU A 500 -1.29 6.28 -30.77
N ASN A 501 -1.88 5.43 -29.93
CA ASN A 501 -3.22 5.63 -29.41
C ASN A 501 -3.20 5.61 -27.89
N ALA A 502 -2.25 6.32 -27.29
CA ALA A 502 -2.14 6.43 -25.85
C ALA A 502 -2.71 7.77 -25.39
N HIS A 503 -3.57 7.72 -24.38
CA HIS A 503 -4.25 8.92 -23.88
C HIS A 503 -3.32 9.81 -23.05
N ALA A 504 -2.19 9.30 -22.55
CA ALA A 504 -1.33 10.14 -21.72
C ALA A 504 0.06 9.53 -21.60
N PHE A 505 0.99 10.33 -21.08
CA PHE A 505 2.36 9.86 -20.94
C PHE A 505 2.91 10.54 -19.70
N VAL A 506 3.89 9.88 -19.09
CA VAL A 506 4.40 10.24 -17.78
C VAL A 506 5.87 10.62 -17.92
N VAL A 507 6.22 11.81 -17.48
CA VAL A 507 7.60 12.27 -17.46
C VAL A 507 8.00 12.40 -16.00
N THR A 508 8.94 11.59 -15.55
CA THR A 508 9.32 11.54 -14.15
C THR A 508 10.77 11.93 -13.97
N LEU A 509 11.01 12.84 -13.04
CA LEU A 509 12.33 13.32 -12.68
C LEU A 509 12.53 13.04 -11.21
N LEU A 510 13.72 12.59 -10.85
CA LEU A 510 13.99 12.22 -9.47
C LEU A 510 15.31 12.83 -8.99
N LEU A 511 15.40 12.99 -7.68
CA LEU A 511 16.63 13.49 -7.09
C LEU A 511 17.07 12.59 -5.92
N THR A 512 18.30 12.84 -5.48
CA THR A 512 18.95 12.09 -4.40
C THR A 512 19.26 12.91 -3.15
N ASN A 513 19.33 14.23 -3.22
CA ASN A 513 19.94 15.05 -2.18
C ASN A 513 18.84 15.45 -1.19
N HIS A 514 18.77 14.75 -0.05
CA HIS A 514 17.64 14.86 0.88
C HIS A 514 17.96 15.82 2.02
N THR A 515 17.89 17.11 1.74
CA THR A 515 17.84 18.12 2.79
C THR A 515 17.03 19.30 2.23
N GLN A 516 17.08 20.44 2.91
CA GLN A 516 16.08 21.49 2.77
C GLN A 516 16.32 22.42 1.58
N SER A 517 17.51 22.40 0.95
CA SER A 517 17.71 23.21 -0.26
C SER A 517 16.98 22.65 -1.46
N ALA A 518 16.79 21.32 -1.53
CA ALA A 518 15.95 20.75 -2.58
C ALA A 518 14.50 21.18 -2.44
N ASN A 519 14.00 21.29 -1.21
CA ASN A 519 12.65 21.79 -1.01
C ASN A 519 12.54 23.28 -1.31
N ARG A 520 13.58 24.07 -1.02
CA ARG A 520 13.55 25.46 -1.45
C ARG A 520 13.55 25.58 -2.97
N TRP A 521 14.25 24.67 -3.66
CA TRP A 521 14.18 24.65 -5.11
C TRP A 521 12.78 24.29 -5.60
N GLU A 522 12.12 23.32 -4.96
CA GLU A 522 10.74 22.99 -5.37
C GLU A 522 9.78 24.16 -5.13
N GLU A 523 9.99 24.90 -4.03
CA GLU A 523 9.25 26.14 -3.78
C GLU A 523 9.48 27.16 -4.89
N ARG A 524 10.69 27.18 -5.46
CA ARG A 524 10.94 28.05 -6.62
C ARG A 524 10.34 27.47 -7.90
N LEU A 525 10.25 26.14 -8.00
CA LEU A 525 9.80 25.51 -9.24
C LEU A 525 8.30 25.69 -9.45
N GLU A 526 7.50 25.64 -8.37
CA GLU A 526 6.06 25.66 -8.54
C GLU A 526 5.55 26.96 -9.16
N GLU A 527 6.13 28.11 -8.77
CA GLU A 527 5.56 29.37 -9.25
C GLU A 527 5.66 29.48 -10.77
N TYR A 528 6.77 29.03 -11.34
CA TYR A 528 6.89 29.05 -12.78
C TYR A 528 6.29 27.81 -13.44
N LEU A 529 6.09 26.73 -12.68
CA LEU A 529 5.40 25.58 -13.22
C LEU A 529 3.91 25.85 -13.36
N LEU A 530 3.39 26.78 -12.54
CA LEU A 530 2.06 27.34 -12.74
C LEU A 530 2.07 28.38 -13.86
N ASP A 531 3.11 29.20 -13.95
CA ASP A 531 3.10 30.23 -14.98
C ASP A 531 3.35 29.68 -16.39
N LEU A 532 3.75 28.41 -16.53
CA LEU A 532 3.97 27.85 -17.86
C LEU A 532 2.66 27.67 -18.63
N LYS A 533 2.75 27.78 -19.96
CA LYS A 533 1.59 27.80 -20.83
C LYS A 533 1.23 26.38 -21.31
N VAL A 534 0.17 26.29 -22.10
CA VAL A 534 -0.34 25.01 -22.59
C VAL A 534 -1.22 25.28 -23.80
N PRO A 535 -1.23 24.43 -24.83
CA PRO A 535 -2.20 24.58 -25.91
C PRO A 535 -3.63 24.44 -25.41
N GLU A 536 -4.57 24.84 -26.28
CA GLU A 536 -5.98 24.80 -25.90
C GLU A 536 -6.50 23.36 -25.80
N GLY A 537 -5.92 22.44 -26.56
CA GLY A 537 -6.38 21.06 -26.56
C GLY A 537 -5.55 20.09 -25.75
N LEU A 538 -4.71 20.58 -24.85
CA LEU A 538 -3.83 19.73 -24.07
C LEU A 538 -3.96 20.00 -22.58
N ARG A 539 -3.66 18.98 -21.76
CA ARG A 539 -3.71 19.11 -20.31
C ARG A 539 -2.42 18.61 -19.68
N ILE A 540 -2.12 19.13 -18.48
CA ILE A 540 -0.94 18.74 -17.70
C ILE A 540 -1.33 18.52 -16.23
N SER A 541 -0.45 17.83 -15.50
CA SER A 541 -0.60 17.66 -14.07
C SER A 541 0.78 17.43 -13.46
N PHE A 542 0.94 17.78 -12.19
CA PHE A 542 2.26 17.67 -11.59
C PHE A 542 2.16 17.54 -10.07
N ASN A 543 3.30 17.23 -9.46
CA ASN A 543 3.40 16.92 -8.04
C ASN A 543 4.87 16.92 -7.65
N THR A 544 5.12 17.25 -6.39
CA THR A 544 6.47 17.15 -5.82
C THR A 544 6.36 16.69 -4.37
N GLU A 545 7.52 16.52 -3.73
CA GLU A 545 7.58 15.86 -2.43
C GLU A 545 6.88 16.67 -1.34
N ILE A 546 7.08 17.98 -1.33
CA ILE A 546 6.56 18.83 -0.26
C ILE A 546 5.21 19.45 -0.63
N SER A 547 4.52 18.89 -1.63
CA SER A 547 3.21 19.41 -1.99
C SER A 547 2.21 19.21 -0.85
N LEU A 548 2.11 17.97 -0.35
CA LEU A 548 1.11 17.66 0.67
C LEU A 548 1.39 18.42 1.97
N GLU A 549 2.67 18.58 2.33
CA GLU A 549 3.00 19.36 3.51
C GLU A 549 2.49 20.80 3.39
N LYS A 550 2.71 21.41 2.22
CA LYS A 550 2.26 22.79 2.02
C LYS A 550 0.75 22.88 1.92
N GLU A 551 0.09 21.82 1.44
CA GLU A 551 -1.37 21.82 1.42
C GLU A 551 -1.96 21.64 2.82
N LEU A 552 -1.22 20.98 3.71
CA LEU A 552 -1.61 20.97 5.11
C LEU A 552 -1.41 22.33 5.75
N ASN A 553 -0.31 23.01 5.40
CA ASN A 553 -0.08 24.36 5.92
C ASN A 553 -1.04 25.38 5.34
N ASN A 554 -1.66 25.08 4.19
CA ASN A 554 -2.54 26.05 3.52
C ASN A 554 -3.82 26.26 4.30
N ASN A 555 -4.61 25.20 4.49
CA ASN A 555 -5.91 25.31 5.14
C ASN A 555 -5.82 25.09 6.65
N ASN A 556 -4.66 25.41 7.25
CA ASN A 556 -4.54 25.32 8.70
C ASN A 556 -5.34 26.41 9.40
N ASP A 557 -5.75 27.44 8.66
CA ASP A 557 -6.51 28.55 9.24
C ASP A 557 -7.89 28.05 9.65
N ILE A 558 -8.07 27.80 10.94
CA ILE A 558 -9.39 27.45 11.47
C ILE A 558 -9.72 28.36 12.65
N SER A 559 -10.24 29.55 12.35
CA SER A 559 -10.80 30.42 13.37
C SER A 559 -12.13 29.88 13.86
N THR A 560 -12.69 28.92 13.13
CA THR A 560 -13.91 28.28 13.56
C THR A 560 -13.73 27.60 14.90
N VAL A 561 -12.54 27.08 15.19
CA VAL A 561 -12.31 26.46 16.50
C VAL A 561 -12.39 27.51 17.60
N ALA A 562 -11.83 28.70 17.36
CA ALA A 562 -11.89 29.77 18.35
C ALA A 562 -13.33 30.19 18.60
N ILE A 563 -14.09 30.45 17.54
CA ILE A 563 -15.45 30.90 17.76
C ILE A 563 -16.33 29.78 18.34
N SER A 564 -15.99 28.52 18.06
CA SER A 564 -16.66 27.40 18.71
C SER A 564 -16.47 27.42 20.22
N TYR A 565 -15.22 27.55 20.69
CA TYR A 565 -15.02 27.67 22.13
C TYR A 565 -15.68 28.94 22.68
N LEU A 566 -15.80 29.99 21.87
CA LEU A 566 -16.51 31.19 22.32
C LEU A 566 -17.97 30.87 22.64
N MET A 567 -18.67 30.22 21.71
CA MET A 567 -20.07 29.90 21.96
C MET A 567 -20.21 28.92 23.13
N MET A 568 -19.30 27.95 23.23
CA MET A 568 -19.33 27.05 24.38
C MET A 568 -19.20 27.82 25.69
N PHE A 569 -18.30 28.80 25.76
CA PHE A 569 -18.14 29.53 27.02
C PHE A 569 -19.37 30.38 27.32
N LEU A 570 -19.90 31.09 26.31
CA LEU A 570 -21.05 31.93 26.56
C LEU A 570 -22.25 31.13 27.05
N TYR A 571 -22.44 29.90 26.55
CA TYR A 571 -23.51 29.08 27.12
C TYR A 571 -23.12 28.56 28.51
N ALA A 572 -21.90 28.05 28.66
CA ALA A 572 -21.54 27.37 29.91
C ALA A 572 -21.67 28.31 31.10
N THR A 573 -21.31 29.58 30.93
CA THR A 573 -21.55 30.55 31.99
C THR A 573 -23.04 30.73 32.25
N TRP A 574 -23.83 30.80 31.18
CA TRP A 574 -25.28 31.02 31.28
C TRP A 574 -25.96 29.72 31.69
N ALA A 575 -25.75 29.33 32.95
CA ALA A 575 -26.38 28.15 33.52
C ALA A 575 -26.88 28.50 34.92
N LEU A 576 -28.20 28.39 35.10
CA LEU A 576 -28.87 28.60 36.38
C LEU A 576 -28.59 29.99 36.94
N ARG A 577 -28.64 31.00 36.08
CA ARG A 577 -28.41 32.36 36.55
C ARG A 577 -29.68 33.02 37.08
N ARG A 578 -30.80 32.87 36.37
CA ARG A 578 -32.03 33.59 36.70
C ARG A 578 -33.10 32.69 37.34
N LYS A 579 -32.71 31.60 38.00
CA LYS A 579 -33.71 30.82 38.72
C LYS A 579 -34.36 31.64 39.82
N ASP A 580 -33.56 32.07 40.79
CA ASP A 580 -34.06 32.76 41.95
C ASP A 580 -33.44 34.15 41.99
N GLY A 581 -33.46 34.82 40.85
CA GLY A 581 -32.90 36.14 40.76
C GLY A 581 -31.50 36.12 40.20
N LYS A 582 -31.13 37.24 39.57
CA LYS A 582 -29.87 37.36 38.83
C LYS A 582 -28.68 36.90 39.68
N THR A 583 -27.88 36.00 39.13
CA THR A 583 -26.77 35.36 39.85
C THR A 583 -25.65 35.05 38.84
N ARG A 584 -24.73 34.17 39.24
CA ARG A 584 -23.75 33.52 38.36
C ARG A 584 -22.83 34.50 37.63
N LEU A 585 -22.68 35.72 38.14
CA LEU A 585 -21.88 36.75 37.49
C LEU A 585 -20.40 36.37 37.59
N LEU A 586 -19.86 35.84 36.49
CA LEU A 586 -18.43 35.49 36.36
C LEU A 586 -18.01 34.34 37.28
N LEU A 587 -18.87 33.34 37.45
CA LEU A 587 -18.43 32.11 38.11
C LEU A 587 -18.05 31.04 37.10
N GLY A 588 -18.76 30.98 35.97
CA GLY A 588 -18.37 30.05 34.92
C GLY A 588 -17.01 30.37 34.33
N ILE A 589 -16.66 31.66 34.27
CA ILE A 589 -15.33 32.05 33.79
C ILE A 589 -14.26 31.37 34.63
N SER A 590 -14.45 31.35 35.97
CA SER A 590 -13.46 30.78 36.87
C SER A 590 -13.32 29.27 36.67
N GLY A 591 -14.44 28.57 36.55
CA GLY A 591 -14.38 27.12 36.33
C GLY A 591 -13.77 26.76 34.98
N LEU A 592 -14.09 27.54 33.93
CA LEU A 592 -13.44 27.32 32.64
C LEU A 592 -11.95 27.59 32.72
N LEU A 593 -11.53 28.62 33.47
CA LEU A 593 -10.11 28.90 33.62
C LEU A 593 -9.40 27.80 34.38
N ILE A 594 -10.06 27.21 35.39
CA ILE A 594 -9.43 26.08 36.08
C ILE A 594 -9.37 24.85 35.19
N VAL A 595 -10.42 24.61 34.38
CA VAL A 595 -10.39 23.47 33.46
C VAL A 595 -9.25 23.64 32.45
N LEU A 596 -9.13 24.83 31.88
CA LEU A 596 -8.02 25.10 30.95
C LEU A 596 -6.69 25.02 31.67
N ALA A 597 -6.66 25.37 32.96
CA ALA A 597 -5.46 25.25 33.75
C ALA A 597 -5.05 23.79 33.90
N SER A 598 -6.03 22.89 33.92
CA SER A 598 -5.69 21.46 33.99
C SER A 598 -4.86 21.03 32.77
N ILE A 599 -5.27 21.44 31.57
CA ILE A 599 -4.54 20.99 30.40
C ILE A 599 -3.22 21.73 30.27
N VAL A 600 -3.13 22.99 30.68
CA VAL A 600 -1.84 23.66 30.59
C VAL A 600 -0.86 23.07 31.60
N CYS A 601 -1.32 22.79 32.82
CA CYS A 601 -0.42 22.18 33.80
C CYS A 601 -0.02 20.79 33.36
N ALA A 602 -0.91 20.05 32.72
CA ALA A 602 -0.53 18.73 32.24
C ALA A 602 0.50 18.84 31.13
N ALA A 603 0.26 19.75 30.17
CA ALA A 603 1.18 19.91 29.05
C ALA A 603 2.59 20.31 29.53
N GLY A 604 2.66 21.26 30.46
CA GLY A 604 3.97 21.63 31.00
C GLY A 604 4.60 20.52 31.84
N PHE A 605 3.81 19.88 32.71
CA PHE A 605 4.32 18.81 33.55
C PHE A 605 4.88 17.66 32.71
N LEU A 606 4.27 17.38 31.58
CA LEU A 606 4.77 16.29 30.74
C LEU A 606 5.83 16.73 29.75
N THR A 607 5.92 18.03 29.44
CA THR A 607 7.11 18.50 28.74
C THR A 607 8.32 18.56 29.67
N LEU A 608 8.10 18.43 30.97
CA LEU A 608 9.22 18.29 31.90
C LEU A 608 9.97 16.99 31.65
N PHE A 609 9.24 15.92 31.36
CA PHE A 609 9.87 14.65 31.08
C PHE A 609 10.24 14.50 29.62
N GLY A 610 10.28 15.62 28.87
CA GLY A 610 10.64 15.59 27.47
C GLY A 610 9.76 14.68 26.64
N LEU A 611 8.47 14.98 26.63
CA LEU A 611 7.49 14.16 25.92
C LEU A 611 6.92 14.95 24.76
N LYS A 612 6.74 14.28 23.63
CA LYS A 612 6.32 14.94 22.40
C LYS A 612 4.80 15.13 22.39
N SER A 613 4.37 16.22 21.76
CA SER A 613 2.97 16.62 21.68
C SER A 613 2.56 16.64 20.22
N THR A 614 1.59 15.79 19.86
CA THR A 614 1.14 15.67 18.49
C THR A 614 0.11 16.74 18.14
N LEU A 615 -0.16 16.86 16.85
CA LEU A 615 -1.27 17.71 16.42
C LEU A 615 -2.61 17.12 16.85
N ILE A 616 -2.66 15.81 17.09
CA ILE A 616 -3.91 15.12 17.41
C ILE A 616 -4.39 15.51 18.80
N ILE A 617 -3.48 15.58 19.77
CA ILE A 617 -3.89 15.93 21.13
C ILE A 617 -4.39 17.37 21.20
N ALA A 618 -3.94 18.24 20.28
CA ALA A 618 -4.41 19.61 20.25
C ALA A 618 -5.91 19.72 19.99
N GLU A 619 -6.51 18.74 19.29
CA GLU A 619 -7.96 18.69 19.15
C GLU A 619 -8.63 17.74 20.14
N VAL A 620 -7.91 16.75 20.65
CA VAL A 620 -8.60 15.77 21.51
C VAL A 620 -8.57 16.18 22.98
N ILE A 621 -7.39 16.50 23.51
CA ILE A 621 -7.25 16.77 24.94
C ILE A 621 -8.12 17.93 25.40
N PRO A 622 -8.16 19.10 24.70
CA PRO A 622 -9.16 20.11 25.06
C PRO A 622 -10.59 19.60 24.99
N PHE A 623 -10.98 19.07 23.82
CA PHE A 623 -12.35 18.58 23.67
C PHE A 623 -12.73 17.62 24.82
N LEU A 624 -11.84 16.68 25.14
CA LEU A 624 -12.11 15.67 26.17
C LEU A 624 -12.22 16.31 27.55
N ILE A 625 -11.18 17.06 27.94
CA ILE A 625 -11.12 17.57 29.29
C ILE A 625 -12.23 18.58 29.54
N LEU A 626 -12.57 19.41 28.55
CA LEU A 626 -13.75 20.25 28.71
C LEU A 626 -15.02 19.43 28.90
N ALA A 627 -15.23 18.42 28.03
CA ALA A 627 -16.47 17.65 28.13
C ALA A 627 -16.64 17.06 29.52
N ILE A 628 -15.55 16.67 30.16
CA ILE A 628 -15.69 16.15 31.51
C ILE A 628 -15.71 17.26 32.57
N GLY A 629 -14.94 18.32 32.38
CA GLY A 629 -14.77 19.31 33.44
C GLY A 629 -16.00 20.15 33.67
N ILE A 630 -16.60 20.67 32.60
CA ILE A 630 -17.83 21.44 32.81
C ILE A 630 -18.92 20.54 33.36
N ASP A 631 -18.84 19.24 33.05
CA ASP A 631 -19.82 18.33 33.60
C ASP A 631 -19.66 18.22 35.12
N ASN A 632 -18.41 18.17 35.60
CA ASN A 632 -18.26 18.23 37.05
C ASN A 632 -18.66 19.58 37.63
N ILE A 633 -18.42 20.66 36.90
CA ILE A 633 -18.82 21.98 37.40
C ILE A 633 -20.31 22.00 37.68
N PHE A 634 -21.11 21.58 36.69
CA PHE A 634 -22.56 21.64 36.86
C PHE A 634 -23.05 20.68 37.94
N LEU A 635 -22.39 19.53 38.10
CA LEU A 635 -22.79 18.67 39.22
C LEU A 635 -22.52 19.33 40.58
N ILE A 636 -21.31 19.87 40.80
CA ILE A 636 -20.98 20.51 42.07
C ILE A 636 -21.90 21.69 42.33
N THR A 637 -22.03 22.59 41.34
CA THR A 637 -22.82 23.79 41.52
C THR A 637 -24.29 23.48 41.79
N HIS A 638 -24.91 22.65 40.94
CA HIS A 638 -26.32 22.35 41.18
C HIS A 638 -26.51 21.66 42.52
N GLU A 639 -25.56 20.82 42.95
CA GLU A 639 -25.78 20.18 44.24
C GLU A 639 -25.70 21.19 45.37
N TYR A 640 -24.82 22.20 45.24
CA TYR A 640 -24.82 23.29 46.21
C TYR A 640 -26.13 24.05 46.19
N ASP A 641 -26.66 24.37 45.00
CA ASP A 641 -27.86 25.19 44.87
C ASP A 641 -29.13 24.45 45.28
N ARG A 642 -29.08 23.11 45.34
CA ARG A 642 -30.14 22.34 45.95
C ARG A 642 -29.97 22.24 47.46
N ASN A 643 -28.72 22.17 47.97
CA ASN A 643 -28.54 22.25 49.41
C ASN A 643 -28.94 23.61 49.98
N CYS A 644 -28.92 24.67 49.18
CA CYS A 644 -29.33 25.98 49.67
C CYS A 644 -30.83 26.03 49.98
N GLU A 645 -31.61 25.05 49.51
CA GLU A 645 -33.04 24.98 49.75
C GLU A 645 -33.42 24.04 50.89
N GLN A 646 -32.71 22.92 51.06
CA GLN A 646 -32.93 22.04 52.21
C GLN A 646 -32.02 22.47 53.35
N LYS A 647 -32.62 22.82 54.48
CA LYS A 647 -31.94 23.19 55.72
C LYS A 647 -30.94 24.31 55.46
N PRO A 648 -31.41 25.54 55.21
CA PRO A 648 -30.49 26.65 54.96
C PRO A 648 -29.77 27.17 56.21
N GLU A 649 -30.02 26.58 57.39
CA GLU A 649 -29.22 26.95 58.55
C GLU A 649 -27.82 26.33 58.49
N TYR A 650 -27.62 25.33 57.63
CA TYR A 650 -26.26 24.90 57.28
C TYR A 650 -25.51 26.09 56.70
N SER A 651 -24.35 26.39 57.29
CA SER A 651 -23.55 27.45 56.70
C SER A 651 -23.04 27.01 55.33
N ILE A 652 -22.50 27.99 54.59
CA ILE A 652 -22.09 27.77 53.22
C ILE A 652 -21.03 26.69 53.11
N ASP A 653 -20.08 26.66 54.05
CA ASP A 653 -19.04 25.65 54.04
C ASP A 653 -19.63 24.24 54.23
N GLN A 654 -20.61 24.10 55.12
CA GLN A 654 -21.27 22.81 55.25
C GLN A 654 -22.12 22.47 54.03
N LYS A 655 -22.62 23.48 53.32
CA LYS A 655 -23.30 23.24 52.05
C LYS A 655 -22.36 22.55 51.06
N ILE A 656 -21.16 23.11 50.88
CA ILE A 656 -20.27 22.51 49.88
C ILE A 656 -19.65 21.20 50.39
N ILE A 657 -19.40 21.05 51.69
CA ILE A 657 -18.94 19.77 52.21
C ILE A 657 -19.98 18.68 52.01
N SER A 658 -21.26 18.99 52.27
CA SER A 658 -22.32 18.00 52.05
C SER A 658 -22.45 17.64 50.58
N ALA A 659 -22.30 18.64 49.69
CA ALA A 659 -22.34 18.34 48.26
C ALA A 659 -21.19 17.42 47.84
N ILE A 660 -20.00 17.65 48.40
CA ILE A 660 -18.87 16.81 48.03
C ILE A 660 -19.04 15.40 48.59
N GLY A 661 -19.47 15.28 49.85
CA GLY A 661 -19.78 13.97 50.39
C GLY A 661 -20.86 13.20 49.64
N ARG A 662 -21.77 13.91 48.97
CA ARG A 662 -22.74 13.20 48.14
C ARG A 662 -22.17 12.77 46.79
N MET A 663 -21.41 13.63 46.10
CA MET A 663 -21.11 13.30 44.70
C MET A 663 -19.64 13.13 44.34
N SER A 664 -18.70 13.51 45.19
CA SER A 664 -17.30 13.30 44.83
C SER A 664 -16.94 11.83 44.58
N PRO A 665 -17.52 10.83 45.26
CA PRO A 665 -17.25 9.45 44.85
C PRO A 665 -17.67 9.15 43.42
N SER A 666 -18.72 9.78 42.92
CA SER A 666 -19.05 9.62 41.50
C SER A 666 -17.95 10.19 40.62
N ILE A 667 -17.28 11.26 41.07
CA ILE A 667 -16.23 11.85 40.26
C ILE A 667 -15.02 10.94 40.25
N LEU A 668 -14.70 10.41 41.42
CA LEU A 668 -13.56 9.50 41.54
C LEU A 668 -13.83 8.22 40.76
N MET A 669 -15.06 7.72 40.80
CA MET A 669 -15.43 6.54 40.04
C MET A 669 -15.28 6.79 38.54
N SER A 670 -15.86 7.88 38.04
CA SER A 670 -15.69 8.21 36.63
C SER A 670 -14.22 8.39 36.29
N LEU A 671 -13.44 8.98 37.19
CA LEU A 671 -12.03 9.24 36.96
C LEU A 671 -11.22 7.93 36.90
N LEU A 672 -11.43 7.03 37.85
CA LEU A 672 -10.78 5.72 37.83
C LEU A 672 -11.15 4.93 36.58
N CYS A 673 -12.43 4.90 36.22
CA CYS A 673 -12.81 4.20 34.99
C CYS A 673 -12.10 4.79 33.77
N GLN A 674 -12.08 6.13 33.67
CA GLN A 674 -11.46 6.76 32.51
C GLN A 674 -9.95 6.58 32.50
N THR A 675 -9.29 6.79 33.65
CA THR A 675 -7.85 6.66 33.73
C THR A 675 -7.40 5.23 33.50
N GLY A 676 -8.11 4.25 34.05
CA GLY A 676 -7.80 2.87 33.71
C GLY A 676 -8.02 2.58 32.24
N CYS A 677 -9.13 3.09 31.68
CA CYS A 677 -9.39 2.97 30.26
C CYS A 677 -8.26 3.58 29.44
N PHE A 678 -7.61 4.61 29.96
CA PHE A 678 -6.53 5.27 29.24
C PHE A 678 -5.18 4.59 29.47
N LEU A 679 -5.00 3.94 30.62
CA LEU A 679 -3.78 3.19 30.88
C LEU A 679 -3.76 1.90 30.09
N ILE A 680 -4.93 1.33 29.80
CA ILE A 680 -4.95 0.17 28.91
C ILE A 680 -4.38 0.55 27.55
N ALA A 681 -4.70 1.75 27.07
CA ALA A 681 -4.17 2.23 25.80
C ALA A 681 -2.71 2.65 25.86
N ALA A 682 -2.04 2.43 27.00
CA ALA A 682 -0.61 2.71 27.07
C ALA A 682 0.21 1.53 26.58
N PHE A 683 -0.33 0.32 26.67
CA PHE A 683 0.36 -0.87 26.17
C PHE A 683 0.06 -1.02 24.68
N VAL A 684 0.64 -0.11 23.91
CA VAL A 684 0.49 -0.07 22.45
C VAL A 684 1.88 0.00 21.82
N THR A 685 1.92 -0.27 20.52
CA THR A 685 3.18 -0.28 19.79
C THR A 685 3.57 1.13 19.33
N MET A 686 2.63 1.86 18.68
CA MET A 686 3.02 3.14 18.12
C MET A 686 2.91 4.26 19.15
N PRO A 687 3.76 5.29 19.03
CA PRO A 687 3.75 6.37 20.04
C PRO A 687 2.66 7.40 19.82
N ALA A 688 2.00 7.43 18.66
CA ALA A 688 0.94 8.42 18.45
C ALA A 688 -0.21 8.23 19.43
N VAL A 689 -0.49 6.98 19.81
CA VAL A 689 -1.53 6.67 20.78
C VAL A 689 -0.94 6.49 22.19
N HIS A 690 0.33 6.09 22.27
CA HIS A 690 0.99 6.00 23.57
C HIS A 690 1.09 7.37 24.24
N ASN A 691 1.62 8.35 23.51
CA ASN A 691 1.75 9.71 24.02
C ASN A 691 0.38 10.30 24.35
N PHE A 692 -0.62 10.01 23.51
CA PHE A 692 -2.00 10.34 23.83
C PHE A 692 -2.43 9.78 25.17
N ALA A 693 -2.26 8.47 25.39
CA ALA A 693 -2.77 7.89 26.62
C ALA A 693 -2.11 8.53 27.83
N ILE A 694 -0.81 8.81 27.75
CA ILE A 694 -0.16 9.45 28.89
C ILE A 694 -0.72 10.86 29.08
N TYR A 695 -0.74 11.66 28.02
CA TYR A 695 -1.35 13.00 28.07
C TYR A 695 -2.75 12.95 28.65
N SER A 696 -3.58 12.02 28.19
CA SER A 696 -4.95 11.94 28.63
C SER A 696 -5.02 11.65 30.12
N THR A 697 -4.47 10.51 30.54
CA THR A 697 -4.61 10.15 31.96
C THR A 697 -4.03 11.23 32.87
N VAL A 698 -2.94 11.89 32.46
CA VAL A 698 -2.39 12.93 33.33
C VAL A 698 -3.25 14.18 33.31
N SER A 699 -3.85 14.52 32.16
CA SER A 699 -4.72 15.69 32.14
C SER A 699 -5.99 15.42 32.94
N VAL A 700 -6.46 14.18 32.93
CA VAL A 700 -7.62 13.80 33.72
C VAL A 700 -7.30 13.93 35.21
N ILE A 701 -6.15 13.42 35.64
CA ILE A 701 -5.91 13.50 37.07
C ILE A 701 -5.66 14.95 37.52
N PHE A 702 -5.03 15.76 36.67
CA PHE A 702 -4.88 17.17 37.04
C PHE A 702 -6.22 17.89 37.10
N ASN A 703 -7.15 17.58 36.18
CA ASN A 703 -8.47 18.19 36.28
C ASN A 703 -9.25 17.65 37.48
N GLY A 704 -9.12 16.36 37.76
CA GLY A 704 -9.80 15.74 38.89
C GLY A 704 -9.33 16.25 40.22
N VAL A 705 -8.10 16.77 40.29
CA VAL A 705 -7.66 17.35 41.55
C VAL A 705 -7.94 18.86 41.60
N LEU A 706 -7.89 19.56 40.46
CA LEU A 706 -8.14 21.01 40.55
C LEU A 706 -9.61 21.37 40.72
N GLN A 707 -10.52 20.64 40.08
CA GLN A 707 -11.95 20.96 40.19
C GLN A 707 -12.54 20.50 41.51
N LEU A 708 -11.79 19.75 42.32
CA LEU A 708 -12.20 19.41 43.67
C LEU A 708 -11.27 20.02 44.72
N THR A 709 -10.36 20.91 44.29
CA THR A 709 -9.64 21.76 45.24
C THR A 709 -9.77 23.25 44.92
N ALA A 710 -9.39 23.63 43.71
CA ALA A 710 -9.33 25.05 43.34
C ALA A 710 -10.72 25.59 43.06
N TYR A 711 -11.53 24.83 42.31
CA TYR A 711 -12.89 25.28 42.03
C TYR A 711 -13.72 25.31 43.29
N VAL A 712 -13.50 24.38 44.23
CA VAL A 712 -14.22 24.41 45.51
C VAL A 712 -13.93 25.72 46.23
N SER A 713 -12.68 26.16 46.18
CA SER A 713 -12.30 27.43 46.82
C SER A 713 -12.97 28.61 46.12
N ILE A 714 -12.91 28.68 44.78
CA ILE A 714 -13.50 29.83 44.10
C ILE A 714 -15.01 29.86 44.26
N LEU A 715 -15.64 28.68 44.36
CA LEU A 715 -17.07 28.62 44.68
C LEU A 715 -17.35 29.23 46.05
N SER A 716 -16.58 28.83 47.06
CA SER A 716 -16.74 29.40 48.41
C SER A 716 -16.57 30.91 48.38
N LEU A 717 -15.48 31.39 47.77
CA LEU A 717 -15.20 32.81 47.78
C LEU A 717 -16.25 33.61 47.00
N TYR A 718 -16.77 33.05 45.91
CA TYR A 718 -17.82 33.72 45.14
C TYR A 718 -19.12 33.83 45.92
N GLU A 719 -19.56 32.72 46.54
CA GLU A 719 -20.82 32.78 47.27
C GLU A 719 -20.69 33.50 48.62
N LYS A 720 -19.47 33.71 49.13
CA LYS A 720 -19.31 34.49 50.35
C LYS A 720 -19.21 35.99 50.09
N ARG A 721 -18.54 36.40 49.00
CA ARG A 721 -18.50 37.84 48.72
C ARG A 721 -19.86 38.38 48.30
N SER A 722 -20.79 37.52 47.92
CA SER A 722 -22.15 37.93 47.61
C SER A 722 -23.06 37.65 48.80
N ASN A 723 -23.96 38.60 49.10
CA ASN A 723 -24.96 38.35 50.13
C ASN A 723 -25.83 37.16 49.74
N TYR A 724 -26.35 37.17 48.52
CA TYR A 724 -27.22 36.12 47.99
C TYR A 724 -28.38 35.80 48.95
N LYS A 725 -29.28 36.77 49.06
CA LYS A 725 -30.53 36.55 49.78
C LYS A 725 -31.39 35.54 49.02
N GLN A 726 -31.70 34.42 49.66
CA GLN A 726 -32.47 33.34 49.06
C GLN A 726 -33.94 33.46 49.45
N ILE A 727 -34.82 33.34 48.46
CA ILE A 727 -36.24 33.59 48.72
C ILE A 727 -37.14 32.43 48.31
N THR A 728 -36.77 31.66 47.27
CA THR A 728 -37.62 30.51 46.79
C THR A 728 -38.09 29.51 47.93
N SER A 736 -43.84 22.49 38.38
CA SER A 736 -43.56 21.63 37.23
C SER A 736 -43.31 22.46 35.97
N PHE A 737 -42.03 22.63 35.63
CA PHE A 737 -41.64 23.42 34.48
C PHE A 737 -41.52 22.53 33.25
N LEU A 738 -40.92 23.06 32.18
CA LEU A 738 -40.85 22.35 30.92
C LEU A 738 -40.00 21.08 31.04
N LYS A 739 -38.78 21.20 31.58
CA LYS A 739 -37.95 20.03 31.82
C LYS A 739 -38.64 19.02 32.75
N THR A 740 -39.59 19.46 33.56
CA THR A 740 -40.29 18.58 34.48
C THR A 740 -41.38 17.76 33.79
N PHE A 741 -41.92 18.26 32.66
CA PHE A 741 -43.08 17.68 32.01
C PHE A 741 -42.84 16.30 31.40
N TYR A 742 -41.59 15.82 31.35
CA TYR A 742 -41.28 14.60 30.63
C TYR A 742 -41.26 13.38 31.53
N PHE A 743 -41.99 13.43 32.65
CA PHE A 743 -42.08 12.32 33.58
C PHE A 743 -43.22 11.37 33.20
N LYS A 744 -44.17 11.83 32.39
CA LYS A 744 -45.25 10.98 31.90
C LYS A 744 -44.79 10.11 30.73
N MET A 745 -43.76 10.53 30.01
CA MET A 745 -43.25 9.74 28.89
C MET A 745 -42.65 8.41 29.35
N LEU A 746 -42.24 8.31 30.62
CA LEU A 746 -41.55 7.12 31.10
C LEU A 746 -42.48 5.91 31.27
N THR A 747 -43.79 6.07 31.06
CA THR A 747 -44.69 4.93 31.11
C THR A 747 -44.51 4.01 29.91
N GLN A 748 -43.86 4.50 28.85
CA GLN A 748 -43.49 3.70 27.69
C GLN A 748 -42.11 3.07 27.94
N LYS A 749 -42.10 2.10 28.85
CA LYS A 749 -40.86 1.46 29.27
C LYS A 749 -40.34 0.50 28.21
N ARG A 750 -41.17 -0.47 27.81
CA ARG A 750 -40.73 -1.59 26.98
C ARG A 750 -40.40 -1.15 25.56
N LEU A 751 -41.14 -0.17 25.03
CA LEU A 751 -40.96 0.26 23.65
C LEU A 751 -39.55 0.77 23.40
N ILE A 752 -39.09 1.70 24.25
CA ILE A 752 -37.80 2.34 23.99
C ILE A 752 -36.65 1.36 24.16
N ILE A 753 -36.80 0.38 25.05
CA ILE A 753 -35.76 -0.63 25.21
C ILE A 753 -35.71 -1.55 24.00
N ILE A 754 -36.87 -1.91 23.43
CA ILE A 754 -36.83 -2.68 22.19
C ILE A 754 -36.23 -1.86 21.05
N ILE A 755 -36.54 -0.55 21.02
CA ILE A 755 -35.98 0.31 19.99
C ILE A 755 -34.46 0.32 20.07
N PHE A 756 -33.93 0.50 21.27
CA PHE A 756 -32.48 0.50 21.41
C PHE A 756 -31.89 -0.90 21.30
N SER A 757 -32.67 -1.95 21.53
CA SER A 757 -32.16 -3.30 21.31
C SER A 757 -31.97 -3.58 19.82
N ALA A 758 -32.97 -3.23 19.02
CA ALA A 758 -32.82 -3.32 17.56
C ALA A 758 -31.76 -2.37 17.05
N TRP A 759 -31.63 -1.21 17.70
CA TRP A 759 -30.54 -0.29 17.39
C TRP A 759 -29.19 -0.96 17.63
N PHE A 760 -29.06 -1.66 18.76
CA PHE A 760 -27.82 -2.35 19.11
C PHE A 760 -27.55 -3.55 18.21
N PHE A 761 -28.56 -4.38 17.96
CA PHE A 761 -28.37 -5.54 17.09
C PHE A 761 -28.07 -5.14 15.66
N THR A 762 -28.81 -4.15 15.12
CA THR A 762 -28.54 -3.66 13.78
C THR A 762 -27.15 -3.06 13.67
N SER A 763 -26.75 -2.26 14.67
CA SER A 763 -25.39 -1.74 14.63
C SER A 763 -24.38 -2.87 14.72
N LEU A 764 -24.66 -3.91 15.51
CA LEU A 764 -23.70 -4.99 15.69
C LEU A 764 -23.58 -5.87 14.44
N VAL A 765 -24.63 -5.93 13.63
CA VAL A 765 -24.56 -6.62 12.34
C VAL A 765 -23.76 -5.79 11.35
N PHE A 766 -24.10 -4.51 11.17
CA PHE A 766 -23.29 -3.73 10.25
C PHE A 766 -21.89 -3.44 10.78
N LEU A 767 -21.53 -3.94 11.97
CA LEU A 767 -20.28 -3.58 12.62
C LEU A 767 -19.01 -3.87 11.81
N PRO A 768 -18.88 -5.01 11.05
CA PRO A 768 -17.63 -5.23 10.30
C PRO A 768 -17.57 -4.61 8.91
N GLU A 769 -18.44 -3.66 8.58
CA GLU A 769 -18.39 -3.01 7.28
C GLU A 769 -17.60 -1.71 7.31
N ILE A 770 -16.91 -1.41 8.42
CA ILE A 770 -16.06 -0.22 8.48
C ILE A 770 -14.79 -0.47 7.70
N GLN A 771 -14.38 0.50 6.90
CA GLN A 771 -13.14 0.38 6.12
C GLN A 771 -11.94 0.77 6.97
N PHE A 772 -10.78 0.22 6.61
CA PHE A 772 -9.54 0.45 7.32
C PHE A 772 -8.67 1.37 6.47
N GLY A 773 -8.10 2.39 7.08
CA GLY A 773 -7.07 3.12 6.38
C GLY A 773 -7.26 4.62 6.46
N LEU A 774 -6.62 5.31 5.51
CA LEU A 774 -6.63 6.76 5.41
C LEU A 774 -6.00 7.16 4.09
N ASP A 775 -6.67 8.02 3.33
CA ASP A 775 -6.19 8.44 2.02
C ASP A 775 -5.67 9.87 2.10
N GLN A 776 -4.37 10.06 1.93
CA GLN A 776 -3.83 11.40 1.82
C GLN A 776 -4.43 12.16 0.63
N THR A 777 -5.08 11.47 -0.30
CA THR A 777 -5.62 12.11 -1.49
C THR A 777 -6.88 12.93 -1.18
N LEU A 778 -7.59 12.57 -0.11
CA LEU A 778 -8.84 13.24 0.22
C LEU A 778 -8.59 14.68 0.68
N ALA A 779 -7.54 14.89 1.47
CA ALA A 779 -7.37 16.15 2.18
C ALA A 779 -6.95 17.31 1.29
N VAL A 780 -6.50 17.05 0.07
CA VAL A 780 -6.04 18.16 -0.77
C VAL A 780 -7.18 19.16 -0.95
N PRO A 781 -6.96 20.45 -0.70
CA PRO A 781 -8.09 21.38 -0.69
C PRO A 781 -8.73 21.55 -2.06
N GLN A 782 -9.95 22.05 -2.03
CA GLN A 782 -10.66 22.36 -3.25
C GLN A 782 -9.92 23.45 -4.01
N ASP A 783 -9.87 23.30 -5.33
CA ASP A 783 -9.14 24.21 -6.21
C ASP A 783 -7.66 24.25 -5.83
N SER A 784 -7.03 23.08 -5.90
CA SER A 784 -5.59 22.93 -5.71
C SER A 784 -5.02 22.18 -6.92
N TYR A 785 -3.70 22.19 -7.06
CA TYR A 785 -3.04 21.60 -8.22
C TYR A 785 -2.83 20.10 -8.08
N LEU A 786 -3.38 19.48 -7.02
CA LEU A 786 -3.23 18.04 -6.80
C LEU A 786 -4.52 17.26 -6.94
N VAL A 787 -5.68 17.93 -6.95
CA VAL A 787 -6.93 17.19 -7.09
C VAL A 787 -7.04 16.58 -8.48
N ASP A 788 -6.48 17.23 -9.50
CA ASP A 788 -6.45 16.63 -10.83
C ASP A 788 -5.39 15.54 -10.92
N TYR A 789 -4.34 15.66 -10.10
CA TYR A 789 -3.20 14.75 -10.16
C TYR A 789 -3.59 13.32 -9.77
N PHE A 790 -4.37 13.16 -8.69
CA PHE A 790 -4.71 11.82 -8.24
C PHE A 790 -5.74 11.17 -9.15
N LYS A 791 -6.63 11.97 -9.76
CA LYS A 791 -7.52 11.43 -10.78
C LYS A 791 -6.73 10.97 -12.01
N ASP A 792 -5.64 11.64 -12.32
CA ASP A 792 -4.81 11.15 -13.42
C ASP A 792 -4.05 9.89 -13.04
N VAL A 793 -3.62 9.78 -11.78
CA VAL A 793 -2.95 8.55 -11.36
C VAL A 793 -3.92 7.38 -11.38
N TYR A 794 -5.18 7.62 -11.01
CA TYR A 794 -6.17 6.54 -10.97
C TYR A 794 -6.43 5.92 -12.34
N SER A 795 -6.15 6.62 -13.43
CA SER A 795 -6.54 6.17 -14.75
C SER A 795 -5.39 6.00 -15.74
N PHE A 796 -4.29 6.74 -15.56
CA PHE A 796 -3.25 6.85 -16.56
C PHE A 796 -1.90 6.32 -16.13
N LEU A 797 -1.72 5.96 -14.87
CA LEU A 797 -0.44 5.41 -14.41
C LEU A 797 -0.56 3.90 -14.28
N ASN A 798 0.41 3.19 -14.85
CA ASN A 798 0.31 1.73 -14.91
C ASN A 798 1.14 1.02 -13.86
N VAL A 799 2.15 1.67 -13.29
CA VAL A 799 3.07 1.03 -12.36
C VAL A 799 2.92 1.72 -11.01
N GLY A 800 2.84 0.93 -9.96
CA GLY A 800 2.80 1.45 -8.60
C GLY A 800 4.09 1.23 -7.86
N PRO A 801 4.05 1.33 -6.53
CA PRO A 801 5.28 1.36 -5.71
C PRO A 801 6.25 0.26 -6.05
N PRO A 802 7.56 0.56 -6.04
CA PRO A 802 8.57 -0.47 -6.30
C PRO A 802 8.91 -1.24 -5.04
N VAL A 803 9.30 -2.49 -5.22
CA VAL A 803 9.58 -3.39 -4.10
C VAL A 803 10.99 -3.93 -4.28
N TYR A 804 11.81 -3.92 -3.24
CA TYR A 804 13.13 -4.51 -3.41
C TYR A 804 13.29 -5.70 -2.48
N MET A 805 13.68 -6.82 -3.06
CA MET A 805 13.97 -8.05 -2.32
C MET A 805 15.44 -8.01 -1.93
N VAL A 806 15.73 -7.93 -0.64
CA VAL A 806 17.10 -7.79 -0.17
C VAL A 806 17.48 -9.06 0.60
N VAL A 807 18.67 -9.60 0.28
CA VAL A 807 19.25 -10.75 0.97
C VAL A 807 20.36 -10.27 1.89
N LYS A 808 20.28 -10.66 3.17
CA LYS A 808 21.03 -9.94 4.19
C LYS A 808 22.53 -10.25 4.17
N ASN A 809 22.93 -11.47 4.48
CA ASN A 809 24.34 -11.83 4.50
C ASN A 809 24.52 -13.26 4.00
N LEU A 810 25.24 -13.40 2.89
CA LEU A 810 25.65 -14.70 2.37
C LEU A 810 27.14 -14.68 2.06
N ASP A 811 27.68 -15.86 1.80
CA ASP A 811 29.09 -16.00 1.44
C ASP A 811 29.25 -15.97 -0.09
N LEU A 812 30.42 -16.38 -0.57
CA LEU A 812 30.74 -16.64 -1.98
C LEU A 812 29.73 -17.58 -2.61
N THR A 813 29.69 -17.53 -3.94
CA THR A 813 28.90 -18.51 -4.67
C THR A 813 29.50 -19.90 -4.43
N LYS A 814 28.87 -20.63 -3.53
CA LYS A 814 29.23 -22.01 -3.24
C LYS A 814 28.43 -22.96 -4.11
N ARG A 815 27.52 -22.42 -4.93
CA ARG A 815 26.65 -23.11 -5.88
C ARG A 815 25.48 -23.78 -5.19
N GLN A 816 25.45 -23.82 -3.86
CA GLN A 816 24.29 -24.18 -3.04
C GLN A 816 23.37 -22.98 -2.87
N ASN A 817 23.96 -21.83 -2.50
CA ASN A 817 23.18 -20.64 -2.23
C ASN A 817 22.54 -20.13 -3.49
N GLN A 818 23.27 -20.20 -4.60
CA GLN A 818 22.80 -19.61 -5.83
C GLN A 818 21.66 -20.44 -6.44
N GLN A 819 21.68 -21.77 -6.27
CA GLN A 819 20.54 -22.59 -6.72
C GLN A 819 19.23 -22.21 -6.03
N LYS A 820 19.26 -21.31 -5.05
CA LYS A 820 18.07 -20.76 -4.43
C LYS A 820 17.67 -19.41 -5.00
N ILE A 821 18.44 -18.86 -5.94
CA ILE A 821 18.15 -17.54 -6.48
C ILE A 821 18.11 -17.52 -8.00
N CYS A 822 18.87 -18.42 -8.64
CA CYS A 822 18.95 -18.41 -10.10
C CYS A 822 17.59 -18.71 -10.74
N GLY A 823 17.26 -17.98 -11.80
CA GLY A 823 16.02 -18.28 -12.48
C GLY A 823 16.12 -18.90 -13.86
N LYS A 824 17.05 -18.40 -14.67
CA LYS A 824 17.09 -18.74 -16.09
C LYS A 824 17.86 -20.02 -16.39
N PHE A 825 18.12 -20.84 -15.37
CA PHE A 825 19.02 -21.96 -15.51
C PHE A 825 18.29 -23.26 -15.22
N THR A 826 18.95 -24.38 -15.55
CA THR A 826 18.34 -25.68 -15.34
C THR A 826 18.46 -26.14 -13.89
N THR A 827 19.69 -26.14 -13.36
CA THR A 827 19.94 -26.58 -11.99
C THR A 827 19.63 -25.43 -11.03
N CYS A 828 18.34 -25.17 -10.89
CA CYS A 828 17.82 -24.26 -9.88
C CYS A 828 16.72 -25.00 -9.13
N GLU A 829 16.61 -24.73 -7.83
CA GLU A 829 15.58 -25.40 -7.04
C GLU A 829 14.20 -25.04 -7.56
N ARG A 830 13.24 -25.95 -7.33
CA ARG A 830 11.84 -25.59 -7.52
C ARG A 830 11.46 -24.43 -6.61
N ASP A 831 11.98 -24.43 -5.39
CA ASP A 831 11.71 -23.40 -4.40
C ASP A 831 12.67 -22.21 -4.52
N SER A 832 13.37 -22.09 -5.64
CA SER A 832 14.34 -21.03 -5.82
C SER A 832 13.63 -19.67 -5.92
N LEU A 833 14.40 -18.60 -5.72
CA LEU A 833 13.83 -17.27 -5.57
C LEU A 833 13.08 -16.83 -6.83
N ALA A 834 13.78 -16.77 -7.97
CA ALA A 834 13.16 -16.23 -9.17
C ALA A 834 11.97 -17.07 -9.64
N ASN A 835 12.03 -18.39 -9.46
CA ASN A 835 10.93 -19.24 -9.91
C ASN A 835 9.69 -19.05 -9.02
N VAL A 836 9.89 -19.01 -7.71
CA VAL A 836 8.81 -18.71 -6.76
C VAL A 836 8.19 -17.36 -7.08
N LEU A 837 9.01 -16.34 -7.32
CA LEU A 837 8.48 -15.02 -7.62
C LEU A 837 7.77 -14.98 -8.97
N GLU A 838 8.19 -15.81 -9.92
CA GLU A 838 7.45 -15.92 -11.17
C GLU A 838 6.05 -16.48 -10.94
N GLN A 839 5.93 -17.51 -10.09
CA GLN A 839 4.59 -18.07 -9.87
C GLN A 839 3.74 -17.20 -8.95
N GLU A 840 4.35 -16.41 -8.06
CA GLU A 840 3.60 -15.44 -7.27
C GLU A 840 3.15 -14.25 -8.12
N ARG A 841 3.92 -13.90 -9.15
CA ARG A 841 3.66 -12.70 -9.91
C ARG A 841 2.38 -12.78 -10.73
N HIS A 842 1.90 -13.99 -11.02
CA HIS A 842 0.66 -14.14 -11.78
C HIS A 842 -0.57 -13.74 -10.97
N ARG A 843 -0.48 -13.73 -9.64
CA ARG A 843 -1.66 -13.62 -8.80
C ARG A 843 -1.54 -12.65 -7.63
N SER A 844 -0.36 -12.09 -7.37
CA SER A 844 -0.13 -11.21 -6.23
C SER A 844 -0.23 -9.75 -6.68
N THR A 845 0.16 -8.84 -5.79
CA THR A 845 0.14 -7.42 -6.12
C THR A 845 1.30 -7.02 -7.01
N ILE A 846 2.39 -7.79 -7.00
CA ILE A 846 3.54 -7.52 -7.83
C ILE A 846 3.31 -8.11 -9.22
N THR A 847 3.32 -7.25 -10.24
CA THR A 847 3.14 -7.69 -11.61
C THR A 847 4.37 -7.52 -12.47
N GLU A 848 5.20 -6.51 -12.20
CA GLU A 848 6.38 -6.28 -13.03
C GLU A 848 7.42 -7.36 -12.76
N PRO A 849 8.13 -7.81 -13.80
CA PRO A 849 9.23 -8.76 -13.59
C PRO A 849 10.39 -8.10 -12.86
N LEU A 850 11.29 -8.94 -12.35
CA LEU A 850 12.32 -8.48 -11.44
C LEU A 850 13.68 -8.37 -12.13
N ALA A 851 14.56 -7.60 -11.50
CA ALA A 851 15.92 -7.39 -11.99
C ALA A 851 16.83 -8.35 -11.24
N ASN A 852 17.11 -9.50 -11.86
CA ASN A 852 17.98 -10.52 -11.28
C ASN A 852 19.38 -10.30 -11.84
N TRP A 853 20.23 -9.58 -11.09
CA TRP A 853 21.59 -9.34 -11.57
C TRP A 853 22.43 -10.60 -11.65
N LEU A 854 22.06 -11.68 -10.95
CA LEU A 854 22.84 -12.91 -11.08
C LEU A 854 22.62 -13.55 -12.44
N ASP A 855 21.37 -13.64 -12.91
CA ASP A 855 21.13 -14.15 -14.25
C ASP A 855 21.79 -13.27 -15.30
N ASP A 856 21.82 -11.96 -15.09
CA ASP A 856 22.40 -11.08 -16.10
C ASP A 856 23.92 -11.15 -16.08
N TYR A 857 24.51 -11.22 -14.89
CA TYR A 857 25.95 -11.40 -14.74
C TYR A 857 26.42 -12.72 -15.31
N PHE A 858 25.59 -13.77 -15.22
CA PHE A 858 26.02 -15.01 -15.84
C PHE A 858 25.75 -15.02 -17.34
N MET A 859 24.70 -14.33 -17.80
CA MET A 859 24.48 -14.19 -19.23
C MET A 859 25.50 -13.26 -19.88
N PHE A 860 26.27 -12.52 -19.08
CA PHE A 860 27.29 -11.62 -19.62
C PHE A 860 28.49 -12.36 -20.16
N LEU A 861 28.72 -13.60 -19.75
CA LEU A 861 29.92 -14.33 -20.14
C LEU A 861 29.68 -15.42 -21.18
N ASN A 862 28.47 -15.58 -21.69
CA ASN A 862 28.27 -16.56 -22.75
C ASN A 862 28.91 -16.04 -24.04
N PRO A 863 29.69 -16.86 -24.74
CA PRO A 863 30.56 -16.31 -25.79
C PRO A 863 29.81 -15.83 -27.02
N GLN A 864 28.70 -16.47 -27.38
CA GLN A 864 28.06 -16.17 -28.65
C GLN A 864 27.40 -14.80 -28.66
N ASN A 865 26.96 -14.31 -27.50
CA ASN A 865 26.38 -12.97 -27.39
C ASN A 865 27.33 -12.01 -26.69
N ASP A 866 28.64 -12.17 -26.92
CA ASP A 866 29.64 -11.27 -26.35
C ASP A 866 30.43 -10.59 -27.46
N GLN A 867 30.26 -9.28 -27.55
CA GLN A 867 31.24 -8.38 -28.12
C GLN A 867 31.92 -7.55 -27.04
N CYS A 868 31.65 -7.86 -25.78
CA CYS A 868 32.08 -7.04 -24.65
C CYS A 868 33.14 -7.71 -23.78
N CYS A 869 32.87 -8.89 -23.23
CA CYS A 869 33.86 -9.52 -22.36
C CYS A 869 34.99 -10.09 -23.22
N ARG A 870 36.20 -9.55 -23.04
CA ARG A 870 37.32 -9.93 -23.88
C ARG A 870 38.62 -9.73 -23.14
N LEU A 871 39.60 -10.56 -23.48
CA LEU A 871 40.95 -10.43 -22.97
C LEU A 871 41.89 -11.03 -24.01
N LYS A 872 43.16 -10.63 -23.94
CA LYS A 872 44.07 -10.85 -25.06
C LYS A 872 44.74 -12.23 -25.05
N LYS A 873 45.20 -12.70 -23.89
CA LYS A 873 46.08 -13.86 -23.84
C LYS A 873 45.72 -14.77 -22.68
N GLY A 874 44.48 -14.74 -22.21
CA GLY A 874 44.17 -15.36 -20.93
C GLY A 874 44.86 -14.67 -19.80
N THR A 875 45.18 -13.39 -19.96
CA THR A 875 46.04 -12.63 -19.08
C THR A 875 45.34 -12.11 -17.84
N ASP A 876 44.09 -12.52 -17.60
CA ASP A 876 43.28 -11.99 -16.51
C ASP A 876 43.15 -10.47 -16.56
N GLU A 877 43.48 -9.87 -17.71
CA GLU A 877 43.36 -8.44 -17.93
C GLU A 877 42.59 -8.22 -19.21
N VAL A 878 41.45 -7.53 -19.10
CA VAL A 878 40.51 -7.39 -20.20
C VAL A 878 41.02 -6.43 -21.26
N CYS A 879 40.33 -6.39 -22.39
CA CYS A 879 40.65 -5.52 -23.50
C CYS A 879 39.61 -4.40 -23.59
N PRO A 880 40.04 -3.16 -23.82
CA PRO A 880 39.15 -2.03 -23.60
C PRO A 880 37.98 -2.04 -24.54
N PRO A 881 36.85 -1.43 -24.16
CA PRO A 881 35.74 -1.27 -25.11
C PRO A 881 36.06 -0.29 -26.23
N SER A 882 37.01 0.62 -26.03
CA SER A 882 37.50 1.47 -27.10
C SER A 882 38.58 0.78 -27.93
N PHE A 883 38.64 -0.56 -27.85
CA PHE A 883 39.57 -1.38 -28.61
C PHE A 883 38.74 -2.33 -29.46
N PRO A 884 38.19 -1.85 -30.59
CA PRO A 884 37.36 -2.71 -31.46
C PRO A 884 38.21 -3.60 -32.36
N SER A 885 38.61 -4.75 -31.82
CA SER A 885 39.49 -5.63 -32.56
C SER A 885 39.19 -7.08 -32.22
N ARG A 886 39.50 -7.95 -33.16
CA ARG A 886 39.38 -9.40 -32.97
C ARG A 886 40.60 -10.01 -32.28
N ARG A 887 41.64 -9.21 -31.99
CA ARG A 887 42.85 -9.74 -31.36
C ARG A 887 42.59 -10.31 -29.98
N CYS A 888 41.51 -9.88 -29.32
CA CYS A 888 41.15 -10.38 -28.00
C CYS A 888 39.97 -11.33 -28.13
N GLU A 889 40.06 -12.46 -27.42
CA GLU A 889 39.07 -13.53 -27.52
C GLU A 889 38.14 -13.50 -26.32
N THR A 890 37.17 -14.41 -26.31
CA THR A 890 36.13 -14.40 -25.30
C THR A 890 36.70 -14.78 -23.93
N CYS A 891 35.94 -14.45 -22.89
CA CYS A 891 36.37 -14.72 -21.53
C CYS A 891 36.27 -16.18 -21.17
N PHE A 892 35.24 -16.87 -21.69
CA PHE A 892 35.11 -18.31 -21.54
C PHE A 892 35.21 -18.99 -22.90
N GLN A 893 35.60 -20.26 -22.84
CA GLN A 893 35.68 -21.08 -24.03
C GLN A 893 34.30 -21.27 -24.65
N GLN A 894 34.23 -21.18 -25.98
CA GLN A 894 32.96 -21.33 -26.68
C GLN A 894 32.30 -22.68 -26.39
N GLY A 895 33.07 -23.67 -25.93
CA GLY A 895 32.52 -24.96 -25.57
C GLY A 895 32.23 -25.11 -24.10
N SER A 896 33.15 -24.66 -23.24
CA SER A 896 32.99 -24.79 -21.79
C SER A 896 32.33 -23.55 -21.17
N TRP A 897 31.19 -23.16 -21.74
CA TRP A 897 30.38 -22.07 -21.21
C TRP A 897 29.31 -22.59 -20.26
N ASN A 898 29.21 -23.91 -20.13
CA ASN A 898 28.60 -24.58 -18.98
C ASN A 898 27.15 -24.17 -18.79
N TYR A 899 26.40 -24.27 -19.86
CA TYR A 899 24.99 -23.92 -19.78
C TYR A 899 24.21 -25.05 -19.16
N ASN A 900 24.74 -26.27 -19.30
CA ASN A 900 24.20 -27.50 -18.75
C ASN A 900 23.68 -27.28 -17.34
N MET A 901 24.58 -26.96 -16.41
CA MET A 901 24.23 -26.70 -15.02
C MET A 901 24.38 -25.21 -14.76
N SER A 902 24.04 -24.80 -13.53
CA SER A 902 24.35 -23.44 -13.09
C SER A 902 25.87 -23.33 -12.96
N GLY A 903 26.57 -23.03 -14.07
CA GLY A 903 28.02 -23.11 -14.06
C GLY A 903 28.71 -21.77 -14.21
N PHE A 904 29.59 -21.42 -13.25
CA PHE A 904 30.41 -20.21 -13.30
C PHE A 904 31.41 -20.30 -12.14
N PRO A 905 32.46 -19.46 -12.05
CA PRO A 905 33.35 -19.53 -10.91
C PRO A 905 32.65 -19.49 -9.56
N GLU A 906 33.28 -20.12 -8.56
CA GLU A 906 32.75 -20.20 -7.21
C GLU A 906 33.51 -19.35 -6.21
N GLY A 907 34.85 -19.44 -6.20
CA GLY A 907 35.64 -18.69 -5.24
C GLY A 907 36.23 -17.39 -5.76
N LYS A 908 37.54 -17.22 -5.54
CA LYS A 908 38.22 -15.98 -5.92
C LYS A 908 37.93 -15.57 -7.35
N ASP A 909 37.71 -16.53 -8.26
CA ASP A 909 37.51 -16.22 -9.66
C ASP A 909 36.11 -15.66 -9.93
N PHE A 910 35.13 -16.05 -9.11
CA PHE A 910 33.79 -15.45 -9.18
C PHE A 910 33.86 -13.94 -8.96
N MET A 911 34.46 -13.51 -7.84
CA MET A 911 34.67 -12.10 -7.58
C MET A 911 35.54 -11.48 -8.65
N GLU A 912 36.59 -12.20 -9.08
CA GLU A 912 37.52 -11.66 -10.07
C GLU A 912 36.78 -11.26 -11.34
N TYR A 913 35.86 -12.10 -11.80
CA TYR A 913 35.04 -11.74 -12.96
C TYR A 913 33.92 -10.76 -12.60
N LEU A 914 33.48 -10.73 -11.34
CA LEU A 914 32.40 -9.82 -10.97
C LEU A 914 32.86 -8.37 -11.04
N SER A 915 34.08 -8.10 -10.57
CA SER A 915 34.60 -6.74 -10.63
C SER A 915 34.79 -6.28 -12.08
N ILE A 916 35.14 -7.19 -12.97
CA ILE A 916 35.27 -6.88 -14.38
C ILE A 916 33.91 -6.68 -15.02
N TRP A 917 32.89 -7.37 -14.53
CA TRP A 917 31.54 -7.20 -15.05
C TRP A 917 31.01 -5.79 -14.83
N ILE A 918 31.24 -5.23 -13.64
CA ILE A 918 30.79 -3.87 -13.36
C ILE A 918 31.89 -2.84 -13.66
N ASN A 919 33.03 -3.28 -14.20
CA ASN A 919 34.11 -2.37 -14.57
C ASN A 919 33.67 -1.44 -15.71
N ALA A 920 33.07 -1.99 -16.75
CA ALA A 920 32.74 -1.22 -17.95
C ALA A 920 31.23 -1.20 -18.18
N PRO A 921 30.68 -0.09 -18.70
CA PRO A 921 29.25 -0.04 -19.03
C PRO A 921 28.91 -0.86 -20.25
N SER A 922 27.66 -0.80 -20.69
CA SER A 922 27.19 -1.62 -21.81
C SER A 922 26.62 -0.71 -22.89
N ASP A 923 27.50 -0.06 -23.66
CA ASP A 923 27.06 0.62 -24.88
C ASP A 923 27.16 -0.26 -26.13
N PRO A 924 28.32 -0.90 -26.43
CA PRO A 924 28.38 -1.78 -27.61
C PRO A 924 27.68 -3.11 -27.38
N CYS A 925 27.95 -3.69 -26.21
CA CYS A 925 27.42 -4.97 -25.78
C CYS A 925 26.36 -4.72 -24.71
N PRO A 926 25.08 -4.52 -25.11
CA PRO A 926 24.08 -3.98 -24.17
C PRO A 926 23.64 -5.00 -23.13
N LEU A 927 24.54 -5.33 -22.21
CA LEU A 927 24.23 -6.32 -21.18
C LEU A 927 25.17 -6.11 -20.00
N GLY A 928 24.58 -5.89 -18.82
CA GLY A 928 25.31 -5.87 -17.56
C GLY A 928 26.37 -4.82 -17.43
N GLY A 929 26.02 -3.55 -17.62
CA GLY A 929 26.95 -2.47 -17.40
C GLY A 929 27.11 -2.12 -15.92
N ARG A 930 27.84 -1.03 -15.68
CA ARG A 930 27.92 -0.52 -14.32
C ARG A 930 26.67 0.26 -13.94
N ALA A 931 26.03 0.90 -14.92
CA ALA A 931 24.84 1.73 -14.69
C ALA A 931 23.63 0.94 -14.20
N PRO A 932 23.37 -0.29 -14.67
CA PRO A 932 22.22 -1.03 -14.13
C PRO A 932 22.36 -1.43 -12.66
N TYR A 933 23.50 -1.96 -12.25
CA TYR A 933 23.61 -2.58 -10.94
C TYR A 933 24.78 -1.99 -10.14
N SER A 934 25.01 -0.68 -10.27
CA SER A 934 26.10 -0.06 -9.50
C SER A 934 25.81 -0.11 -8.01
N THR A 935 24.60 0.32 -7.62
CA THR A 935 24.18 0.34 -6.23
C THR A 935 23.28 -0.84 -5.88
N ALA A 936 23.32 -1.91 -6.67
CA ALA A 936 22.45 -3.06 -6.42
C ALA A 936 22.98 -3.98 -5.33
N LEU A 937 24.26 -3.87 -4.96
CA LEU A 937 24.85 -4.80 -4.00
C LEU A 937 26.06 -4.18 -3.33
N VAL A 938 26.14 -4.28 -2.00
CA VAL A 938 27.31 -3.78 -1.25
C VAL A 938 28.26 -4.96 -1.12
N TYR A 939 29.10 -5.12 -2.12
CA TYR A 939 29.97 -6.29 -2.22
C TYR A 939 31.11 -6.14 -1.24
N ASN A 940 31.34 -7.19 -0.49
CA ASN A 940 32.40 -7.23 0.47
C ASN A 940 33.69 -7.50 -0.31
N GLU A 941 34.83 -7.10 0.26
CA GLU A 941 36.07 -7.43 -0.45
C GLU A 941 36.29 -8.94 -0.55
N THR A 942 36.10 -9.64 0.57
CA THR A 942 35.94 -11.06 0.64
C THR A 942 34.43 -11.22 0.57
N SER A 943 33.94 -12.37 0.26
CA SER A 943 32.94 -12.63 -0.80
C SER A 943 31.99 -11.48 -1.14
N VAL A 944 30.95 -11.20 -0.37
CA VAL A 944 29.94 -10.20 -0.71
C VAL A 944 29.13 -10.02 0.55
N SER A 945 28.44 -8.89 0.66
CA SER A 945 27.62 -8.72 1.85
C SER A 945 26.13 -8.89 1.59
N ALA A 946 25.56 -7.99 0.79
CA ALA A 946 24.13 -7.97 0.54
C ALA A 946 23.87 -7.56 -0.90
N SER A 947 22.62 -7.73 -1.31
CA SER A 947 22.18 -7.37 -2.65
C SER A 947 20.66 -7.29 -2.67
N VAL A 948 20.16 -6.57 -3.68
CA VAL A 948 18.73 -6.31 -3.86
C VAL A 948 18.29 -6.71 -5.27
N PHE A 949 16.99 -6.98 -5.38
CA PHE A 949 16.37 -7.40 -6.63
C PHE A 949 15.04 -6.65 -6.70
N ARG A 950 14.99 -5.61 -7.54
CA ARG A 950 13.82 -4.75 -7.60
C ARG A 950 12.71 -5.34 -8.48
N THR A 951 11.50 -4.86 -8.22
CA THR A 951 10.28 -5.19 -8.94
C THR A 951 9.30 -4.05 -8.64
N ALA A 952 8.02 -4.26 -8.96
CA ALA A 952 7.05 -3.19 -8.75
C ALA A 952 5.66 -3.77 -8.49
N HIS A 953 4.73 -2.88 -8.15
CA HIS A 953 3.32 -3.18 -7.94
C HIS A 953 2.50 -2.71 -9.12
N HIS A 954 1.35 -3.37 -9.32
CA HIS A 954 0.31 -2.82 -10.16
C HIS A 954 -0.26 -1.57 -9.47
N PRO A 955 -0.75 -0.61 -10.23
CA PRO A 955 -0.79 0.79 -9.76
C PRO A 955 -1.22 1.05 -8.31
N LEU A 956 -2.02 0.16 -7.70
CA LEU A 956 -2.47 0.35 -6.31
C LEU A 956 -3.24 1.66 -6.16
N ARG A 957 -4.44 1.69 -6.77
CA ARG A 957 -5.27 2.90 -6.76
C ARG A 957 -6.06 3.04 -5.45
N SER A 958 -6.56 1.95 -4.89
CA SER A 958 -7.44 2.00 -3.73
C SER A 958 -6.65 1.82 -2.44
N GLN A 959 -7.28 2.18 -1.32
CA GLN A 959 -6.65 2.00 -0.02
C GLN A 959 -6.68 0.53 0.42
N LYS A 960 -7.72 -0.20 0.02
CA LYS A 960 -7.74 -1.64 0.23
C LYS A 960 -6.64 -2.31 -0.59
N ASP A 961 -6.30 -1.75 -1.76
CA ASP A 961 -5.18 -2.25 -2.53
C ASP A 961 -3.86 -2.06 -1.78
N PHE A 962 -3.69 -0.92 -1.11
CA PHE A 962 -2.50 -0.73 -0.29
C PHE A 962 -2.40 -1.77 0.82
N ILE A 963 -3.50 -2.05 1.50
CA ILE A 963 -3.46 -3.05 2.56
C ILE A 963 -3.13 -4.44 1.99
N GLN A 964 -3.71 -4.79 0.84
CA GLN A 964 -3.42 -6.09 0.23
C GLN A 964 -1.97 -6.16 -0.25
N ALA A 965 -1.45 -5.04 -0.74
CA ALA A 965 -0.07 -4.98 -1.17
C ALA A 965 0.86 -5.28 -0.01
N TYR A 966 0.56 -4.74 1.18
CA TYR A 966 1.40 -5.06 2.33
C TYR A 966 1.26 -6.51 2.75
N SER A 967 0.03 -7.05 2.76
CA SER A 967 -0.09 -8.43 3.25
C SER A 967 0.60 -9.40 2.29
N ASP A 968 0.71 -9.00 1.02
CA ASP A 968 1.56 -9.71 0.08
C ASP A 968 3.04 -9.51 0.41
N GLY A 969 3.44 -8.28 0.72
CA GLY A 969 4.83 -8.03 1.11
C GLY A 969 5.25 -8.76 2.37
N VAL A 970 4.31 -9.32 3.12
CA VAL A 970 4.70 -10.09 4.30
C VAL A 970 4.52 -11.59 4.06
N ARG A 971 3.61 -11.95 3.16
CA ARG A 971 3.43 -13.39 2.91
C ARG A 971 4.50 -13.97 1.99
N ILE A 972 5.12 -13.14 1.14
CA ILE A 972 6.14 -13.63 0.22
C ILE A 972 7.46 -13.86 0.94
N SER A 973 7.84 -12.92 1.81
CA SER A 973 9.09 -13.04 2.55
C SER A 973 9.07 -14.24 3.48
N SER A 974 7.89 -14.64 3.97
CA SER A 974 7.78 -15.81 4.83
C SER A 974 7.82 -17.12 4.06
N SER A 975 8.00 -17.07 2.74
CA SER A 975 8.02 -18.26 1.90
C SER A 975 9.41 -18.86 1.73
N PHE A 976 10.45 -18.26 2.30
CA PHE A 976 11.83 -18.69 2.08
C PHE A 976 12.49 -18.99 3.42
N PRO A 977 12.17 -20.14 4.04
CA PRO A 977 12.83 -20.50 5.30
C PRO A 977 14.30 -20.83 5.10
N GLU A 978 14.73 -21.08 3.86
CA GLU A 978 16.12 -21.42 3.60
C GLU A 978 17.04 -20.21 3.71
N LEU A 979 16.55 -19.02 3.35
CA LEU A 979 17.39 -17.85 3.15
C LEU A 979 17.01 -16.75 4.12
N ASP A 980 17.82 -15.68 4.11
CA ASP A 980 17.68 -14.54 5.00
C ASP A 980 17.36 -13.32 4.14
N MET A 981 16.06 -13.07 3.90
CA MET A 981 15.64 -12.03 2.97
C MET A 981 14.40 -11.31 3.48
N PHE A 982 14.12 -10.14 2.89
CA PHE A 982 12.95 -9.39 3.31
C PHE A 982 12.63 -8.44 2.18
N ALA A 983 11.48 -7.78 2.26
CA ALA A 983 10.99 -6.95 1.19
C ALA A 983 10.88 -5.51 1.66
N TYR A 984 11.21 -4.54 0.80
CA TYR A 984 11.10 -3.17 1.22
C TYR A 984 10.43 -2.34 0.14
N SER A 985 9.34 -1.63 0.54
CA SER A 985 8.65 -0.58 -0.19
C SER A 985 8.45 0.60 0.74
N PRO A 986 8.60 1.84 0.22
CA PRO A 986 8.53 3.05 1.06
C PRO A 986 7.33 3.12 2.01
N PHE A 987 6.23 2.48 1.65
CA PHE A 987 4.94 2.64 2.30
C PHE A 987 4.67 1.48 3.24
N TYR A 988 5.57 0.48 3.26
CA TYR A 988 5.40 -0.71 4.07
C TYR A 988 5.34 -0.36 5.55
N ILE A 989 6.26 0.49 6.02
CA ILE A 989 6.36 0.81 7.44
C ILE A 989 5.11 1.53 7.94
N PHE A 990 4.31 2.10 7.05
CA PHE A 990 3.14 2.86 7.44
C PHE A 990 1.90 2.00 7.60
N PHE A 991 1.88 0.81 6.99
CA PHE A 991 0.67 -0.01 6.96
C PHE A 991 0.81 -1.28 7.80
N VAL A 992 1.82 -1.33 8.68
CA VAL A 992 1.97 -2.49 9.57
C VAL A 992 0.84 -2.54 10.57
N GLN A 993 0.28 -1.37 10.91
CA GLN A 993 -0.77 -1.29 11.92
C GLN A 993 -2.03 -2.01 11.49
N TYR A 994 -2.36 -1.97 10.20
CA TYR A 994 -3.66 -2.47 9.78
C TYR A 994 -3.73 -3.99 9.82
N GLN A 995 -2.60 -4.67 9.97
CA GLN A 995 -2.65 -6.13 10.02
C GLN A 995 -3.15 -6.63 11.36
N THR A 996 -3.08 -5.79 12.40
CA THR A 996 -3.56 -6.16 13.72
C THR A 996 -4.58 -5.17 14.27
N LEU A 997 -4.97 -4.15 13.49
CA LEU A 997 -5.82 -3.08 14.00
C LEU A 997 -7.20 -3.58 14.41
N GLY A 998 -7.76 -4.55 13.68
CA GLY A 998 -9.07 -5.09 13.99
C GLY A 998 -9.12 -5.72 15.37
N PRO A 999 -8.36 -6.81 15.57
CA PRO A 999 -8.31 -7.42 16.89
C PRO A 999 -7.79 -6.48 17.96
N LEU A 1000 -6.93 -5.52 17.61
CA LEU A 1000 -6.47 -4.57 18.62
C LEU A 1000 -7.61 -3.69 19.11
N THR A 1001 -8.45 -3.21 18.18
CA THR A 1001 -9.65 -2.48 18.58
C THR A 1001 -10.49 -3.34 19.50
N LEU A 1002 -10.72 -4.60 19.12
CA LEU A 1002 -11.58 -5.42 19.97
C LEU A 1002 -10.96 -5.62 21.36
N LYS A 1003 -9.66 -5.93 21.41
CA LYS A 1003 -9.00 -6.21 22.68
C LYS A 1003 -9.02 -4.97 23.58
N LEU A 1004 -8.65 -3.82 23.01
CA LEU A 1004 -8.59 -2.57 23.76
C LEU A 1004 -9.96 -2.19 24.31
N ILE A 1005 -10.98 -2.11 23.46
CA ILE A 1005 -12.30 -1.70 23.93
C ILE A 1005 -12.85 -2.71 24.94
N GLY A 1006 -12.89 -4.00 24.59
CA GLY A 1006 -13.43 -4.97 25.53
C GLY A 1006 -12.72 -4.97 26.87
N SER A 1007 -11.39 -4.84 26.85
CA SER A 1007 -10.65 -4.73 28.09
C SER A 1007 -11.10 -3.51 28.88
N ALA A 1008 -11.24 -2.37 28.21
CA ALA A 1008 -11.72 -1.17 28.90
C ALA A 1008 -13.11 -1.40 29.48
N ILE A 1009 -14.00 -2.06 28.73
CA ILE A 1009 -15.38 -2.24 29.19
C ILE A 1009 -15.40 -3.12 30.43
N ILE A 1010 -14.61 -4.20 30.42
CA ILE A 1010 -14.58 -5.09 31.56
C ILE A 1010 -13.92 -4.41 32.76
N LEU A 1011 -12.91 -3.58 32.51
CA LEU A 1011 -12.32 -2.80 33.59
C LEU A 1011 -13.32 -1.82 34.17
N ILE A 1012 -14.11 -1.18 33.30
CA ILE A 1012 -15.21 -0.34 33.73
C ILE A 1012 -16.18 -1.14 34.59
N PHE A 1013 -16.45 -2.37 34.18
CA PHE A 1013 -17.29 -3.25 34.98
C PHE A 1013 -16.69 -3.48 36.38
N PHE A 1014 -15.40 -3.79 36.46
CA PHE A 1014 -14.78 -4.03 37.76
C PHE A 1014 -14.84 -2.78 38.64
N ILE A 1015 -14.36 -1.65 38.13
CA ILE A 1015 -14.26 -0.45 38.96
C ILE A 1015 -15.66 0.04 39.36
N SER A 1016 -16.62 -0.05 38.44
CA SER A 1016 -17.99 0.33 38.76
C SER A 1016 -18.61 -0.64 39.77
N SER A 1017 -18.28 -1.93 39.68
CA SER A 1017 -18.76 -2.87 40.68
C SER A 1017 -18.08 -2.65 42.03
N VAL A 1018 -16.90 -2.05 42.04
CA VAL A 1018 -16.23 -1.74 43.30
C VAL A 1018 -16.89 -0.55 43.99
N PHE A 1019 -17.00 0.58 43.27
CA PHE A 1019 -17.57 1.76 43.92
C PHE A 1019 -19.06 1.62 44.19
N LEU A 1020 -19.79 0.90 43.34
CA LEU A 1020 -21.20 0.67 43.60
C LEU A 1020 -21.45 -0.45 44.60
N GLN A 1021 -20.43 -1.25 44.92
CA GLN A 1021 -20.53 -2.39 45.81
C GLN A 1021 -21.63 -3.37 45.38
N ASN A 1022 -21.99 -3.33 44.10
CA ASN A 1022 -23.09 -4.12 43.55
C ASN A 1022 -22.81 -4.38 42.08
N ILE A 1023 -23.15 -5.59 41.62
CA ILE A 1023 -22.85 -5.99 40.25
C ILE A 1023 -24.02 -5.77 39.29
N ARG A 1024 -25.26 -5.75 39.79
CA ARG A 1024 -26.42 -5.61 38.92
C ARG A 1024 -26.34 -4.29 38.13
N SER A 1025 -26.30 -3.18 38.85
CA SER A 1025 -26.27 -1.87 38.21
C SER A 1025 -24.98 -1.67 37.42
N SER A 1026 -23.86 -2.20 37.92
CA SER A 1026 -22.59 -2.05 37.21
C SER A 1026 -22.60 -2.80 35.88
N PHE A 1027 -23.19 -4.00 35.86
CA PHE A 1027 -23.35 -4.69 34.58
C PHE A 1027 -24.24 -3.88 33.65
N LEU A 1028 -25.31 -3.27 34.17
CA LEU A 1028 -26.14 -2.44 33.29
C LEU A 1028 -25.34 -1.29 32.70
N LEU A 1029 -24.45 -0.71 33.51
CA LEU A 1029 -23.54 0.32 33.04
C LEU A 1029 -22.65 -0.21 31.92
N ALA A 1030 -22.07 -1.39 32.13
CA ALA A 1030 -21.20 -2.00 31.13
C ALA A 1030 -21.95 -2.28 29.84
N LEU A 1031 -23.24 -2.65 29.94
CA LEU A 1031 -24.03 -2.97 28.76
C LEU A 1031 -24.34 -1.71 27.96
N VAL A 1032 -24.68 -0.62 28.65
CA VAL A 1032 -24.91 0.64 27.94
C VAL A 1032 -23.62 1.12 27.27
N VAL A 1033 -22.50 1.04 27.98
CA VAL A 1033 -21.28 1.60 27.40
C VAL A 1033 -20.77 0.72 26.26
N THR A 1034 -20.98 -0.59 26.34
CA THR A 1034 -20.72 -1.46 25.20
C THR A 1034 -21.58 -1.03 24.01
N MET A 1035 -22.86 -0.80 24.27
CA MET A 1035 -23.82 -0.49 23.22
C MET A 1035 -23.48 0.81 22.49
N ILE A 1036 -23.04 1.83 23.23
CA ILE A 1036 -22.80 3.12 22.59
C ILE A 1036 -21.65 3.02 21.60
N ILE A 1037 -20.60 2.28 21.96
CA ILE A 1037 -19.50 2.10 21.02
C ILE A 1037 -19.98 1.35 19.79
N VAL A 1038 -20.76 0.28 19.99
CA VAL A 1038 -21.21 -0.47 18.81
C VAL A 1038 -21.97 0.45 17.86
N ASP A 1039 -22.86 1.26 18.42
CA ASP A 1039 -23.70 2.10 17.57
C ASP A 1039 -22.86 3.15 16.85
N ILE A 1040 -21.87 3.71 17.54
CA ILE A 1040 -20.94 4.63 16.90
C ILE A 1040 -20.14 3.91 15.83
N GLY A 1041 -19.85 2.63 16.02
CA GLY A 1041 -19.05 1.91 15.03
C GLY A 1041 -19.79 1.77 13.72
N ALA A 1042 -21.04 1.31 13.82
CA ALA A 1042 -21.86 1.27 12.62
C ALA A 1042 -22.05 2.67 12.03
N LEU A 1043 -22.13 3.69 12.88
CA LEU A 1043 -22.30 5.03 12.34
C LEU A 1043 -21.03 5.56 11.70
N MET A 1044 -19.87 5.03 12.11
CA MET A 1044 -18.64 5.19 11.35
C MET A 1044 -18.79 4.56 9.98
N ALA A 1045 -19.30 3.33 9.93
CA ALA A 1045 -19.48 2.70 8.62
C ALA A 1045 -20.36 3.59 7.73
N LEU A 1046 -21.46 4.12 8.29
CA LEU A 1046 -22.41 4.86 7.47
C LEU A 1046 -21.91 6.26 7.12
N LEU A 1047 -21.17 6.88 8.02
CA LEU A 1047 -20.71 8.23 7.78
C LEU A 1047 -19.37 8.28 7.04
N GLY A 1048 -18.95 7.18 6.42
CA GLY A 1048 -17.73 7.19 5.62
C GLY A 1048 -16.45 7.43 6.38
N ILE A 1049 -16.47 7.25 7.70
CA ILE A 1049 -15.30 7.41 8.53
C ILE A 1049 -14.43 6.17 8.39
N SER A 1050 -13.17 6.36 8.00
CA SER A 1050 -12.23 5.25 7.91
C SER A 1050 -11.66 4.93 9.29
N LEU A 1051 -11.34 3.66 9.49
CA LEU A 1051 -10.76 3.19 10.74
C LEU A 1051 -9.23 3.18 10.64
N ASN A 1052 -8.59 4.08 11.37
CA ASN A 1052 -7.14 4.18 11.44
C ASN A 1052 -6.78 4.64 12.86
N ALA A 1053 -5.54 5.05 13.05
CA ALA A 1053 -5.11 5.44 14.40
C ALA A 1053 -5.86 6.67 14.90
N VAL A 1054 -6.11 7.64 14.01
CA VAL A 1054 -6.76 8.89 14.41
C VAL A 1054 -8.16 8.60 14.98
N SER A 1055 -8.98 7.90 14.21
CA SER A 1055 -10.31 7.55 14.67
C SER A 1055 -10.27 6.57 15.85
N LEU A 1056 -9.20 5.77 15.97
CA LEU A 1056 -9.06 4.88 17.13
C LEU A 1056 -8.93 5.68 18.44
N VAL A 1057 -8.01 6.65 18.46
CA VAL A 1057 -7.92 7.51 19.63
C VAL A 1057 -9.27 8.15 19.91
N ASN A 1058 -9.93 8.62 18.86
CA ASN A 1058 -11.21 9.26 19.15
C ASN A 1058 -12.25 8.26 19.67
N LEU A 1059 -12.16 6.98 19.29
CA LEU A 1059 -13.07 5.98 19.88
C LEU A 1059 -12.74 5.71 21.33
N ILE A 1060 -11.46 5.77 21.69
CA ILE A 1060 -11.12 5.62 23.11
C ILE A 1060 -11.77 6.74 23.92
N ILE A 1061 -11.66 7.98 23.42
CA ILE A 1061 -12.27 9.05 24.20
C ILE A 1061 -13.80 8.98 24.08
N CYS A 1062 -14.32 8.36 23.02
CA CYS A 1062 -15.75 8.01 23.02
C CYS A 1062 -16.08 7.11 24.20
N VAL A 1063 -15.25 6.09 24.46
CA VAL A 1063 -15.54 5.18 25.57
C VAL A 1063 -15.44 5.94 26.89
N GLY A 1064 -14.42 6.79 27.01
CA GLY A 1064 -14.27 7.59 28.22
C GLY A 1064 -15.47 8.48 28.50
N LEU A 1065 -15.87 9.29 27.50
CA LEU A 1065 -17.02 10.16 27.68
C LEU A 1065 -18.31 9.36 27.86
N GLY A 1066 -18.46 8.26 27.13
CA GLY A 1066 -19.62 7.41 27.34
C GLY A 1066 -19.70 6.90 28.77
N VAL A 1067 -18.56 6.52 29.34
CA VAL A 1067 -18.48 6.17 30.75
C VAL A 1067 -18.91 7.35 31.61
N GLU A 1068 -18.41 8.54 31.28
CA GLU A 1068 -18.67 9.75 32.03
C GLU A 1068 -20.17 10.01 32.19
N PHE A 1069 -20.92 9.95 31.09
CA PHE A 1069 -22.35 10.24 31.18
C PHE A 1069 -23.03 9.28 32.14
N CYS A 1070 -22.74 8.00 32.02
CA CYS A 1070 -23.56 6.99 32.67
C CYS A 1070 -23.24 6.87 34.14
N VAL A 1071 -21.98 7.09 34.54
CA VAL A 1071 -21.57 6.86 35.93
C VAL A 1071 -22.40 7.73 36.87
N HIS A 1072 -22.65 8.98 36.50
CA HIS A 1072 -23.29 9.89 37.46
C HIS A 1072 -24.72 9.44 37.76
N ILE A 1073 -25.45 9.04 36.72
CA ILE A 1073 -26.80 8.53 36.90
C ILE A 1073 -26.78 7.25 37.73
N VAL A 1074 -25.91 6.30 37.37
CA VAL A 1074 -25.98 5.00 38.05
C VAL A 1074 -25.50 5.14 39.49
N ARG A 1075 -24.66 6.13 39.79
CA ARG A 1075 -24.31 6.44 41.17
C ARG A 1075 -25.48 7.03 41.91
N SER A 1076 -26.26 7.89 41.26
CA SER A 1076 -27.45 8.43 41.89
C SER A 1076 -28.54 7.38 42.08
N PHE A 1077 -28.47 6.24 41.40
CA PHE A 1077 -29.45 5.19 41.64
C PHE A 1077 -29.24 4.53 43.00
N THR A 1078 -28.09 4.75 43.63
CA THR A 1078 -27.89 4.35 45.01
C THR A 1078 -28.70 5.26 45.94
N VAL A 1079 -29.22 4.68 47.02
CA VAL A 1079 -30.23 5.35 47.82
C VAL A 1079 -29.69 6.62 48.46
N VAL A 1080 -30.54 7.64 48.55
CA VAL A 1080 -30.33 8.79 49.40
C VAL A 1080 -31.35 8.67 50.52
N PRO A 1081 -31.01 8.00 51.64
CA PRO A 1081 -32.04 7.56 52.59
C PRO A 1081 -32.97 8.65 53.08
N SER A 1082 -32.53 9.90 53.10
CA SER A 1082 -33.38 11.00 53.52
C SER A 1082 -34.34 11.38 52.40
N GLU A 1083 -35.64 11.30 52.66
CA GLU A 1083 -36.66 11.67 51.69
C GLU A 1083 -36.53 10.83 50.43
N THR A 1084 -36.83 9.54 50.51
CA THR A 1084 -36.67 8.66 49.36
C THR A 1084 -37.63 7.49 49.45
N LYS A 1085 -37.65 6.71 48.36
CA LYS A 1085 -38.31 5.42 48.32
C LYS A 1085 -37.33 4.39 47.78
N LYS A 1086 -37.43 3.17 48.28
CA LYS A 1086 -36.70 2.05 47.67
C LYS A 1086 -37.30 1.63 46.34
N ASP A 1087 -38.44 2.22 45.97
CA ASP A 1087 -39.10 1.98 44.69
C ASP A 1087 -38.18 2.38 43.54
N ALA A 1088 -37.92 1.43 42.64
CA ALA A 1088 -36.92 1.64 41.60
C ALA A 1088 -37.28 2.83 40.71
N ASN A 1089 -38.54 2.90 40.29
CA ASN A 1089 -38.97 4.02 39.44
C ASN A 1089 -38.82 5.34 40.16
N SER A 1090 -39.02 5.35 41.49
CA SER A 1090 -38.96 6.58 42.27
C SER A 1090 -37.53 7.16 42.28
N ARG A 1091 -36.52 6.33 42.53
CA ARG A 1091 -35.18 6.89 42.44
C ARG A 1091 -34.71 7.08 41.00
N VAL A 1092 -35.36 6.47 40.02
CA VAL A 1092 -35.09 6.86 38.63
C VAL A 1092 -35.54 8.31 38.40
N LEU A 1093 -36.75 8.65 38.85
CA LEU A 1093 -37.21 10.03 38.76
C LEU A 1093 -36.30 10.98 39.54
N TYR A 1094 -35.76 10.51 40.67
CA TYR A 1094 -34.75 11.27 41.41
C TYR A 1094 -33.52 11.54 40.54
N SER A 1095 -32.98 10.49 39.91
CA SER A 1095 -31.77 10.64 39.09
C SER A 1095 -32.00 11.60 37.94
N LEU A 1096 -33.22 11.70 37.42
CA LEU A 1096 -33.42 12.61 36.31
C LEU A 1096 -33.73 14.04 36.73
N ASN A 1097 -34.58 14.27 37.72
CA ASN A 1097 -34.82 15.67 38.06
C ASN A 1097 -33.71 16.27 38.90
N THR A 1098 -32.71 15.48 39.31
CA THR A 1098 -31.55 16.06 40.00
C THR A 1098 -30.33 16.16 39.09
N ILE A 1099 -29.89 15.03 38.52
CA ILE A 1099 -28.66 15.03 37.73
C ILE A 1099 -28.93 15.20 36.24
N GLY A 1100 -30.05 14.66 35.74
CA GLY A 1100 -30.37 14.73 34.33
C GLY A 1100 -30.43 16.16 33.79
N GLU A 1101 -30.94 17.10 34.58
CA GLU A 1101 -31.00 18.49 34.14
C GLU A 1101 -29.60 19.09 34.02
N SER A 1102 -28.74 18.80 35.00
CA SER A 1102 -27.34 19.22 34.93
C SER A 1102 -26.60 18.52 33.79
N VAL A 1103 -26.90 17.24 33.54
CA VAL A 1103 -26.22 16.55 32.44
C VAL A 1103 -26.63 17.14 31.09
N ILE A 1104 -27.92 17.40 30.89
CA ILE A 1104 -28.34 17.97 29.61
C ILE A 1104 -27.76 19.38 29.46
N LYS A 1105 -27.55 20.12 30.56
CA LYS A 1105 -26.93 21.43 30.45
C LYS A 1105 -25.40 21.39 30.29
N GLY A 1106 -24.74 20.25 30.55
CA GLY A 1106 -23.36 20.07 30.10
C GLY A 1106 -23.24 19.39 28.73
N ILE A 1107 -24.37 18.89 28.22
CA ILE A 1107 -24.44 18.30 26.87
C ILE A 1107 -24.63 19.38 25.81
N THR A 1108 -25.59 20.28 26.02
CA THR A 1108 -26.00 21.21 24.97
C THR A 1108 -24.80 22.00 24.44
N LEU A 1109 -23.88 22.39 25.32
CA LEU A 1109 -22.68 23.10 24.84
C LEU A 1109 -21.80 22.19 24.00
N THR A 1110 -21.65 20.93 24.41
CA THR A 1110 -20.83 20.00 23.66
C THR A 1110 -21.52 19.60 22.35
N LYS A 1111 -22.78 19.99 22.17
CA LYS A 1111 -23.45 19.91 20.88
C LYS A 1111 -23.23 21.18 20.05
N PHE A 1112 -23.17 22.32 20.74
CA PHE A 1112 -22.89 23.58 20.08
C PHE A 1112 -21.52 23.55 19.41
N ILE A 1113 -20.54 22.89 20.03
CA ILE A 1113 -19.25 22.75 19.37
C ILE A 1113 -19.42 22.03 18.03
N GLY A 1114 -20.10 20.88 18.02
CA GLY A 1114 -20.24 20.15 16.77
C GLY A 1114 -20.81 21.02 15.68
N VAL A 1115 -21.93 21.70 15.97
CA VAL A 1115 -22.61 22.46 14.91
C VAL A 1115 -21.72 23.61 14.42
N CYS A 1116 -21.12 24.35 15.36
CA CYS A 1116 -20.26 25.47 14.98
C CYS A 1116 -19.03 25.00 14.23
N VAL A 1117 -18.44 23.87 14.62
CA VAL A 1117 -17.33 23.29 13.89
C VAL A 1117 -17.74 22.99 12.46
N LEU A 1118 -18.90 22.35 12.27
CA LEU A 1118 -19.25 21.92 10.92
C LEU A 1118 -19.41 23.11 9.99
N ALA A 1119 -19.94 24.23 10.48
CA ALA A 1119 -20.35 25.29 9.54
C ALA A 1119 -19.25 25.64 8.53
N PHE A 1120 -18.01 25.85 9.00
CA PHE A 1120 -16.93 26.18 8.07
C PHE A 1120 -15.58 25.48 8.26
N ALA A 1121 -15.51 24.43 9.06
CA ALA A 1121 -14.24 23.70 9.09
C ALA A 1121 -14.01 23.08 7.73
N GLN A 1122 -13.13 23.67 6.94
CA GLN A 1122 -12.89 23.19 5.58
C GLN A 1122 -11.82 22.11 5.52
N SER A 1123 -11.09 21.89 6.61
CA SER A 1123 -10.09 20.82 6.64
C SER A 1123 -10.81 19.48 6.53
N LYS A 1124 -10.66 18.81 5.39
CA LYS A 1124 -11.42 17.59 5.13
C LYS A 1124 -11.10 16.50 6.14
N ILE A 1125 -9.82 16.38 6.54
CA ILE A 1125 -9.48 15.35 7.52
C ILE A 1125 -10.11 15.68 8.88
N PHE A 1126 -10.09 16.96 9.27
CA PHE A 1126 -10.77 17.38 10.50
C PHE A 1126 -12.26 17.14 10.40
N ASP A 1127 -12.84 17.40 9.21
CA ASP A 1127 -14.29 17.28 9.03
C ASP A 1127 -14.71 15.82 9.00
N VAL A 1128 -13.83 14.93 8.60
CA VAL A 1128 -14.19 13.51 8.55
C VAL A 1128 -14.02 12.88 9.92
N PHE A 1129 -12.83 12.99 10.49
CA PHE A 1129 -12.49 12.15 11.63
C PHE A 1129 -12.71 12.84 12.97
N TYR A 1130 -13.04 14.12 12.98
CA TYR A 1130 -13.28 14.83 14.22
C TYR A 1130 -14.69 15.37 14.36
N PHE A 1131 -15.22 16.02 13.33
CA PHE A 1131 -16.60 16.47 13.41
C PHE A 1131 -17.58 15.31 13.49
N ARG A 1132 -17.50 14.37 12.56
CA ARG A 1132 -18.51 13.34 12.53
C ARG A 1132 -18.36 12.39 13.72
N MET A 1133 -17.11 12.06 14.07
CA MET A 1133 -16.86 11.27 15.28
C MET A 1133 -17.51 11.92 16.50
N TRP A 1134 -17.19 13.19 16.76
CA TRP A 1134 -17.66 13.80 18.00
C TRP A 1134 -19.16 14.01 17.96
N PHE A 1135 -19.71 14.41 16.82
CA PHE A 1135 -21.14 14.65 16.74
C PHE A 1135 -21.90 13.37 16.98
N THR A 1136 -21.47 12.29 16.32
CA THR A 1136 -22.00 10.96 16.58
C THR A 1136 -21.90 10.60 18.05
N LEU A 1137 -20.76 10.91 18.68
CA LEU A 1137 -20.53 10.59 20.09
C LEU A 1137 -21.52 11.30 21.00
N ILE A 1138 -21.61 12.62 20.89
CA ILE A 1138 -22.49 13.33 21.80
C ILE A 1138 -23.93 12.88 21.57
N ILE A 1139 -24.36 12.70 20.31
CA ILE A 1139 -25.75 12.31 20.08
C ILE A 1139 -26.02 10.90 20.60
N VAL A 1140 -25.22 9.92 20.17
CA VAL A 1140 -25.48 8.53 20.54
C VAL A 1140 -25.40 8.35 22.04
N ALA A 1141 -24.40 8.98 22.68
CA ALA A 1141 -24.20 8.81 24.10
C ALA A 1141 -25.29 9.53 24.91
N ALA A 1142 -25.75 10.70 24.46
CA ALA A 1142 -26.84 11.35 25.17
C ALA A 1142 -28.14 10.57 25.05
N LEU A 1143 -28.41 10.00 23.88
CA LEU A 1143 -29.65 9.23 23.74
C LEU A 1143 -29.59 7.92 24.54
N HIS A 1144 -28.42 7.29 24.63
CA HIS A 1144 -28.31 6.09 25.46
C HIS A 1144 -28.31 6.44 26.95
N ALA A 1145 -27.85 7.64 27.31
CA ALA A 1145 -27.71 7.97 28.72
C ALA A 1145 -29.02 8.51 29.30
N LEU A 1146 -29.76 9.31 28.53
CA LEU A 1146 -30.97 9.95 29.00
C LEU A 1146 -32.22 9.09 28.83
N LEU A 1147 -32.20 8.14 27.89
CA LEU A 1147 -33.39 7.38 27.53
C LEU A 1147 -33.24 5.90 27.82
N PHE A 1148 -32.18 5.25 27.31
CA PHE A 1148 -32.07 3.81 27.50
C PHE A 1148 -31.76 3.46 28.95
N LEU A 1149 -30.82 4.19 29.57
CA LEU A 1149 -30.41 3.92 30.94
C LEU A 1149 -31.56 4.00 31.94
N PRO A 1150 -32.39 5.06 31.97
CA PRO A 1150 -33.46 5.11 32.98
C PRO A 1150 -34.48 4.01 32.80
N ALA A 1151 -34.88 3.73 31.55
CA ALA A 1151 -35.86 2.70 31.29
C ALA A 1151 -35.32 1.33 31.69
N LEU A 1152 -34.06 1.06 31.36
CA LEU A 1152 -33.45 -0.20 31.73
C LEU A 1152 -33.43 -0.36 33.25
N LEU A 1153 -33.03 0.68 33.99
CA LEU A 1153 -32.94 0.55 35.45
C LEU A 1153 -34.33 0.37 36.07
N SER A 1154 -35.29 1.23 35.70
CA SER A 1154 -36.61 1.17 36.31
C SER A 1154 -37.31 -0.15 35.99
N LEU A 1155 -37.18 -0.64 34.75
CA LEU A 1155 -37.78 -1.92 34.42
C LEU A 1155 -37.04 -3.07 35.07
N PHE A 1156 -35.73 -2.90 35.33
CA PHE A 1156 -34.98 -3.90 36.07
C PHE A 1156 -35.50 -4.05 37.49
N GLY A 1157 -35.64 -2.94 38.20
CA GLY A 1157 -36.16 -3.00 39.57
C GLY A 1157 -37.65 -3.22 39.68
N GLY A 1158 -38.39 -3.12 38.58
CA GLY A 1158 -39.84 -3.21 38.63
C GLY A 1158 -40.36 -4.59 38.94
N GLU A 1159 -40.90 -4.77 40.14
CA GLU A 1159 -41.45 -6.06 40.61
C GLU A 1159 -42.56 -5.82 41.64
C1 NAG B . -6.09 15.10 -29.32
C2 NAG B . -7.57 14.84 -29.70
C3 NAG B . -8.22 16.13 -30.23
C4 NAG B . -7.36 16.83 -31.28
C5 NAG B . -5.91 16.94 -30.81
C6 NAG B . -5.36 18.35 -30.85
C7 NAG B . -8.79 13.08 -31.02
C8 NAG B . -10.08 13.52 -30.40
N2 NAG B . -7.68 13.77 -30.67
O3 NAG B . -8.53 17.05 -29.17
O4 NAG B . -7.38 16.00 -32.43
O5 NAG B . -5.78 16.49 -29.46
O6 NAG B . -6.31 19.23 -30.26
O7 NAG B . -8.74 12.18 -31.85
C1 NAG B . -8.55 16.22 -33.27
C2 NAG B . -8.25 17.19 -34.44
C3 NAG B . -9.47 17.34 -35.35
C4 NAG B . -10.01 15.97 -35.77
C5 NAG B . -10.24 15.08 -34.55
C6 NAG B . -10.68 13.68 -34.90
C7 NAG B . -7.07 19.34 -34.63
C8 NAG B . -6.75 20.65 -33.96
N2 NAG B . -7.84 18.50 -33.95
O3 NAG B . -9.13 18.11 -36.50
O4 NAG B . -11.25 16.11 -36.46
O5 NAG B . -9.03 14.96 -33.80
O6 NAG B . -9.69 13.00 -35.66
O7 NAG B . -6.65 19.07 -35.76
C1 BMA B . -11.09 16.11 -37.90
C2 BMA B . -12.38 15.51 -38.50
C3 BMA B . -12.48 15.75 -40.01
C4 BMA B . -12.16 17.21 -40.35
C5 BMA B . -10.77 17.56 -39.81
C6 BMA B . -10.33 18.98 -40.15
O2 BMA B . -13.54 16.10 -37.91
O3 BMA B . -13.74 15.39 -40.53
O4 BMA B . -12.19 17.40 -41.76
O5 BMA B . -10.83 17.41 -38.37
O6 BMA B . -8.90 19.03 -40.21
C1 NAG C . 23.57 18.64 -2.01
C2 NAG C . 23.24 19.23 -0.68
C3 NAG C . 24.20 20.38 -0.37
C4 NAG C . 25.45 20.41 -1.28
C5 NAG C . 25.86 19.07 -1.92
C6 NAG C . 27.06 18.43 -1.25
C7 NAG C . 21.10 19.68 0.42
C8 NAG C . 19.69 20.13 0.26
N2 NAG C . 21.86 19.68 -0.67
O3 NAG C . 24.59 20.30 0.99
O4 NAG C . 25.26 21.40 -2.29
O5 NAG C . 24.82 18.08 -1.96
O6 NAG C . 28.14 19.35 -1.16
O7 NAG C . 21.56 19.34 1.51
C1 NAG C . 26.36 22.35 -2.45
C2 NAG C . 26.73 23.00 -1.12
C3 NAG C . 27.85 24.01 -1.33
C4 NAG C . 29.01 23.43 -2.14
C5 NAG C . 28.52 22.63 -3.37
C6 NAG C . 29.62 21.82 -4.00
C7 NAG C . 24.91 24.67 -0.97
C8 NAG C . 23.76 25.16 -0.14
N2 NAG C . 25.58 23.62 -0.48
O3 NAG C . 28.33 24.46 -0.06
O4 NAG C . 29.79 24.52 -2.65
O5 NAG C . 27.49 21.69 -3.00
O6 NAG C . 29.12 20.93 -4.99
O7 NAG C . 25.22 25.22 -2.03
C1 BMA C . 31.08 24.62 -2.06
C2 BMA C . 31.92 25.50 -3.03
C3 BMA C . 33.24 25.95 -2.39
C4 BMA C . 33.08 26.41 -0.94
C5 BMA C . 32.30 25.35 -0.16
C6 BMA C . 32.07 25.71 1.30
O2 BMA C . 31.21 26.68 -3.39
O3 BMA C . 33.86 26.98 -3.17
O4 BMA C . 34.34 26.62 -0.33
O5 BMA C . 31.01 25.18 -0.79
O6 BMA C . 31.43 24.60 1.94
C1 ERG D . 13.79 3.85 -9.17
C2 ERG D . 15.22 3.61 -9.68
C3 ERG D . 15.29 2.36 -10.53
C4 ERG D . 14.32 2.46 -11.70
C5 ERG D . 12.93 2.79 -11.23
C6 ERG D . 11.87 2.05 -11.59
C7 ERG D . 10.56 2.30 -11.12
C8 ERG D . 10.30 3.27 -10.22
C9 ERG D . 11.38 4.21 -9.75
C10 ERG D . 12.81 4.02 -10.33
C11 ERG D . 10.85 5.64 -9.83
C12 ERG D . 9.56 5.82 -9.03
C13 ERG D . 8.43 4.89 -9.52
C14 ERG D . 8.99 3.44 -9.49
C15 ERG D . 7.77 2.56 -9.77
C16 ERG D . 6.60 3.34 -9.12
C17 ERG D . 7.22 4.63 -8.58
C18 ERG D . 7.98 5.26 -10.95
C19 ERG D . 13.22 5.26 -11.16
C20 ERG D . 6.14 5.71 -8.34
C21 ERG D . 6.71 7.12 -8.11
C22 ERG D . 5.38 5.35 -7.08
C23 ERG D . 5.89 5.32 -5.87
C24 ERG D . 5.24 4.78 -4.62
C25 ERG D . 6.26 4.53 -3.49
C26 ERG D . 6.99 5.80 -3.09
C27 ERG D . 5.63 3.87 -2.28
C28 ERG D . 4.09 5.70 -4.17
O1 ERG D . 16.62 2.13 -11.01
C1 NAG E . -3.99 -31.66 -55.15
C2 NAG E . -4.79 -32.63 -54.30
C3 NAG E . -5.82 -33.38 -55.17
C4 NAG E . -6.60 -32.43 -56.05
C5 NAG E . -5.62 -31.52 -56.79
C6 NAG E . -6.28 -30.47 -57.65
C7 NAG E . -3.06 -34.35 -54.50
C8 NAG E . -2.01 -35.07 -53.83
N2 NAG E . -3.81 -33.54 -53.74
O3 NAG E . -6.70 -34.16 -54.34
O4 NAG E . -7.43 -33.12 -56.98
O5 NAG E . -4.84 -30.81 -55.83
O6 NAG E . -5.36 -29.97 -58.61
O7 NAG E . -3.23 -34.45 -55.67
C1 NAG F . 33.61 -9.59 4.75
C2 NAG F . 33.59 -11.01 5.43
C3 NAG F . 34.49 -11.03 6.67
C4 NAG F . 35.89 -10.46 6.41
C5 NAG F . 35.80 -9.05 5.88
C6 NAG F . 37.15 -8.37 5.58
C7 NAG F . 31.79 -12.68 5.70
C8 NAG F . 32.79 -13.71 5.20
N2 NAG F . 32.23 -11.42 5.79
O3 NAG F . 34.60 -12.34 7.24
O4 NAG F . 36.47 -10.32 7.71
O5 NAG F . 35.06 -9.08 4.66
O6 NAG F . 37.03 -7.14 4.87
O7 NAG F . 30.64 -13.00 6.01
#